data_2JYP
# 
_entry.id   2JYP 
# 
_audit_conform.dict_name       mmcif_pdbx.dic 
_audit_conform.dict_version    5.399 
_audit_conform.dict_location   http://mmcif.pdb.org/dictionaries/ascii/mmcif_pdbx.dic 
# 
loop_
_database_2.database_id 
_database_2.database_code 
_database_2.pdbx_database_accession 
_database_2.pdbx_DOI 
PDB   2JYP         pdb_00002jyp 10.2210/pdb2jyp/pdb 
RCSB  RCSB100456   ?            ?                   
WWPDB D_1000100456 ?            ?                   
# 
loop_
_pdbx_audit_revision_history.ordinal 
_pdbx_audit_revision_history.data_content_type 
_pdbx_audit_revision_history.major_revision 
_pdbx_audit_revision_history.minor_revision 
_pdbx_audit_revision_history.revision_date 
1 'Structure model' 1 0 2008-02-12 
2 'Structure model' 1 1 2011-07-13 
3 'Structure model' 1 2 2022-03-16 
4 'Structure model' 1 3 2024-11-27 
# 
_pdbx_audit_revision_details.ordinal             1 
_pdbx_audit_revision_details.revision_ordinal    1 
_pdbx_audit_revision_details.data_content_type   'Structure model' 
_pdbx_audit_revision_details.provider            repository 
_pdbx_audit_revision_details.type                'Initial release' 
_pdbx_audit_revision_details.description         ? 
_pdbx_audit_revision_details.details             ? 
# 
loop_
_pdbx_audit_revision_group.ordinal 
_pdbx_audit_revision_group.revision_ordinal 
_pdbx_audit_revision_group.data_content_type 
_pdbx_audit_revision_group.group 
1 2 'Structure model' 'Version format compliance' 
2 3 'Structure model' 'Database references'       
3 3 'Structure model' 'Derived calculations'      
4 4 'Structure model' 'Data collection'           
5 4 'Structure model' 'Structure summary'         
# 
loop_
_pdbx_audit_revision_category.ordinal 
_pdbx_audit_revision_category.revision_ordinal 
_pdbx_audit_revision_category.data_content_type 
_pdbx_audit_revision_category.category 
1 3 'Structure model' database_2                
2 3 'Structure model' pdbx_struct_assembly      
3 3 'Structure model' pdbx_struct_oper_list     
4 4 'Structure model' chem_comp_atom            
5 4 'Structure model' chem_comp_bond            
6 4 'Structure model' pdbx_entry_details        
7 4 'Structure model' pdbx_modification_feature 
# 
loop_
_pdbx_audit_revision_item.ordinal 
_pdbx_audit_revision_item.revision_ordinal 
_pdbx_audit_revision_item.data_content_type 
_pdbx_audit_revision_item.item 
1 3 'Structure model' '_database_2.pdbx_DOI'                
2 3 'Structure model' '_database_2.pdbx_database_accession' 
# 
_pdbx_database_status.deposit_site                    BMRB 
_pdbx_database_status.entry_id                        2JYP 
_pdbx_database_status.process_site                    RCSB 
_pdbx_database_status.recvd_initial_deposition_date   2007-12-16 
_pdbx_database_status.SG_entry                        ? 
_pdbx_database_status.status_code                     REL 
_pdbx_database_status.status_code_mr                  ? 
_pdbx_database_status.status_code_sf                  ? 
_pdbx_database_status.pdb_format_compatible           Y 
_pdbx_database_status.status_code_cs                  ? 
_pdbx_database_status.status_code_nmr_data            ? 
_pdbx_database_status.methods_development_category    ? 
# 
loop_
_audit_author.name 
_audit_author.pdbx_ordinal 
'Collino, S.' 1 
'Kim, I.'     2 
'Evans, J.'   3 
# 
_citation.id                        primary 
_citation.title                     
;Identification and Structural Characterization of an Unusual RING-Like Sequence within an Extracellular Biomineralization Protein, AP7.
;
_citation.journal_abbrev            Biochemistry 
_citation.journal_volume            47 
_citation.page_first                3745 
_citation.page_last                 3755 
_citation.year                      2008 
_citation.journal_id_ASTM           BICHAW 
_citation.country                   US 
_citation.journal_id_ISSN           0006-2960 
_citation.journal_id_CSD            0033 
_citation.book_publisher            ? 
_citation.pdbx_database_id_PubMed   18298090 
_citation.pdbx_database_id_DOI      10.1021/bi701949p 
# 
loop_
_citation_author.citation_id 
_citation_author.name 
_citation_author.ordinal 
_citation_author.identifier_ORCID 
primary 'Collino, S.' 1 ? 
primary 'Kim, I.W.'   2 ? 
primary 'Evans, J.S.' 3 ? 
# 
_entity.id                         1 
_entity.type                       polymer 
_entity.src_method                 syn 
_entity.pdbx_description           'Aragonite protein AP7' 
_entity.formula_weight             4364.926 
_entity.pdbx_number_of_molecules   1 
_entity.pdbx_ec                    ? 
_entity.pdbx_mutation              ? 
_entity.pdbx_fragment              ? 
_entity.details                    ? 
# 
_entity_poly.entity_id                      1 
_entity_poly.type                           'polypeptide(L)' 
_entity_poly.nstd_linkage                   no 
_entity_poly.nstd_monomer                   no 
_entity_poly.pdbx_seq_one_letter_code       TRHSFRRPFHECALCYSITDPGERQRCIDMYCSYTN 
_entity_poly.pdbx_seq_one_letter_code_can   TRHSFRRPFHECALCYSITDPGERQRCIDMYCSYTN 
_entity_poly.pdbx_strand_id                 A 
_entity_poly.pdbx_target_identifier         ? 
# 
loop_
_entity_poly_seq.entity_id 
_entity_poly_seq.num 
_entity_poly_seq.mon_id 
_entity_poly_seq.hetero 
1 1  THR n 
1 2  ARG n 
1 3  HIS n 
1 4  SER n 
1 5  PHE n 
1 6  ARG n 
1 7  ARG n 
1 8  PRO n 
1 9  PHE n 
1 10 HIS n 
1 11 GLU n 
1 12 CYS n 
1 13 ALA n 
1 14 LEU n 
1 15 CYS n 
1 16 TYR n 
1 17 SER n 
1 18 ILE n 
1 19 THR n 
1 20 ASP n 
1 21 PRO n 
1 22 GLY n 
1 23 GLU n 
1 24 ARG n 
1 25 GLN n 
1 26 ARG n 
1 27 CYS n 
1 28 ILE n 
1 29 ASP n 
1 30 MET n 
1 31 TYR n 
1 32 CYS n 
1 33 SER n 
1 34 TYR n 
1 35 THR n 
1 36 ASN n 
# 
loop_
_chem_comp.id 
_chem_comp.type 
_chem_comp.mon_nstd_flag 
_chem_comp.name 
_chem_comp.pdbx_synonyms 
_chem_comp.formula 
_chem_comp.formula_weight 
ALA 'L-peptide linking' y ALANINE         ? 'C3 H7 N O2'     89.093  
ARG 'L-peptide linking' y ARGININE        ? 'C6 H15 N4 O2 1' 175.209 
ASN 'L-peptide linking' y ASPARAGINE      ? 'C4 H8 N2 O3'    132.118 
ASP 'L-peptide linking' y 'ASPARTIC ACID' ? 'C4 H7 N O4'     133.103 
CYS 'L-peptide linking' y CYSTEINE        ? 'C3 H7 N O2 S'   121.158 
GLN 'L-peptide linking' y GLUTAMINE       ? 'C5 H10 N2 O3'   146.144 
GLU 'L-peptide linking' y 'GLUTAMIC ACID' ? 'C5 H9 N O4'     147.129 
GLY 'peptide linking'   y GLYCINE         ? 'C2 H5 N O2'     75.067  
HIS 'L-peptide linking' y HISTIDINE       ? 'C6 H10 N3 O2 1' 156.162 
ILE 'L-peptide linking' y ISOLEUCINE      ? 'C6 H13 N O2'    131.173 
LEU 'L-peptide linking' y LEUCINE         ? 'C6 H13 N O2'    131.173 
MET 'L-peptide linking' y METHIONINE      ? 'C5 H11 N O2 S'  149.211 
PHE 'L-peptide linking' y PHENYLALANINE   ? 'C9 H11 N O2'    165.189 
PRO 'L-peptide linking' y PROLINE         ? 'C5 H9 N O2'     115.130 
SER 'L-peptide linking' y SERINE          ? 'C3 H7 N O3'     105.093 
THR 'L-peptide linking' y THREONINE       ? 'C4 H9 N O3'     119.119 
TYR 'L-peptide linking' y TYROSINE        ? 'C9 H11 N O3'    181.189 
# 
loop_
_pdbx_poly_seq_scheme.asym_id 
_pdbx_poly_seq_scheme.entity_id 
_pdbx_poly_seq_scheme.seq_id 
_pdbx_poly_seq_scheme.mon_id 
_pdbx_poly_seq_scheme.ndb_seq_num 
_pdbx_poly_seq_scheme.pdb_seq_num 
_pdbx_poly_seq_scheme.auth_seq_num 
_pdbx_poly_seq_scheme.pdb_mon_id 
_pdbx_poly_seq_scheme.auth_mon_id 
_pdbx_poly_seq_scheme.pdb_strand_id 
_pdbx_poly_seq_scheme.pdb_ins_code 
_pdbx_poly_seq_scheme.hetero 
A 1 1  THR 1  1  1  THR THR A . n 
A 1 2  ARG 2  2  2  ARG ARG A . n 
A 1 3  HIS 3  3  3  HIS HIS A . n 
A 1 4  SER 4  4  4  SER SER A . n 
A 1 5  PHE 5  5  5  PHE PHE A . n 
A 1 6  ARG 6  6  6  ARG ARG A . n 
A 1 7  ARG 7  7  7  ARG ARG A . n 
A 1 8  PRO 8  8  8  PRO PRO A . n 
A 1 9  PHE 9  9  9  PHE PHE A . n 
A 1 10 HIS 10 10 10 HIS HIS A . n 
A 1 11 GLU 11 11 11 GLU GLU A . n 
A 1 12 CYS 12 12 12 CYS CYS A . n 
A 1 13 ALA 13 13 13 ALA ALA A . n 
A 1 14 LEU 14 14 14 LEU LEU A . n 
A 1 15 CYS 15 15 15 CYS CYS A . n 
A 1 16 TYR 16 16 16 TYR TYR A . n 
A 1 17 SER 17 17 17 SER SER A . n 
A 1 18 ILE 18 18 18 ILE ILE A . n 
A 1 19 THR 19 19 19 THR THR A . n 
A 1 20 ASP 20 20 20 ASP ASP A . n 
A 1 21 PRO 21 21 21 PRO PRO A . n 
A 1 22 GLY 22 22 22 GLY GLY A . n 
A 1 23 GLU 23 23 23 GLU GLU A . n 
A 1 24 ARG 24 24 24 ARG ARG A . n 
A 1 25 GLN 25 25 25 GLN GLN A . n 
A 1 26 ARG 26 26 26 ARG ARG A . n 
A 1 27 CYS 27 27 27 CYS CYS A . n 
A 1 28 ILE 28 28 28 ILE ILE A . n 
A 1 29 ASP 29 29 29 ASP ASP A . n 
A 1 30 MET 30 30 30 MET MET A . n 
A 1 31 TYR 31 31 31 TYR TYR A . n 
A 1 32 CYS 32 32 32 CYS CYS A . n 
A 1 33 SER 33 33 33 SER SER A . n 
A 1 34 TYR 34 34 34 TYR TYR A . n 
A 1 35 THR 35 35 35 THR THR A . n 
A 1 36 ASN 36 36 36 ASN ASN A . n 
# 
_exptl.absorpt_coefficient_mu     ? 
_exptl.absorpt_correction_T_max   ? 
_exptl.absorpt_correction_T_min   ? 
_exptl.absorpt_correction_type    ? 
_exptl.absorpt_process_details    ? 
_exptl.crystals_number            ? 
_exptl.details                    ? 
_exptl.entry_id                   2JYP 
_exptl.method                     'SOLUTION NMR' 
_exptl.method_details             ? 
# 
_struct.entry_id                  2JYP 
_struct.title                     'Coordinates for lowest energy structure of Aragonite protein-7, C-terminal domain' 
_struct.pdbx_model_details        '36 AA C-terminal domain, AP7' 
_struct.pdbx_CASP_flag            ? 
_struct.pdbx_model_type_details   'minimized average' 
# 
_struct_keywords.entry_id        2JYP 
_struct_keywords.pdbx_keywords   'UNKNOWN FUNCTION' 
_struct_keywords.text            'Protein C-terminal fragment, UNKNOWN FUNCTION' 
# 
_struct_asym.id                            A 
_struct_asym.pdbx_blank_PDB_chainid_flag   N 
_struct_asym.pdbx_modified                 N 
_struct_asym.entity_id                     1 
_struct_asym.details                       ? 
# 
_struct_ref.id                         1 
_struct_ref.db_name                    UNP 
_struct_ref.db_code                    Q9BP37_HALRU 
_struct_ref.pdbx_db_accession          Q9BP37 
_struct_ref.entity_id                  1 
_struct_ref.pdbx_seq_one_letter_code   TRHSFRRPFHECALCYSITDPGERQRCIDMYCSYTN 
_struct_ref.pdbx_align_begin           53 
_struct_ref.pdbx_db_isoform            ? 
# 
_struct_ref_seq.align_id                      1 
_struct_ref_seq.ref_id                        1 
_struct_ref_seq.pdbx_PDB_id_code              2JYP 
_struct_ref_seq.pdbx_strand_id                A 
_struct_ref_seq.seq_align_beg                 1 
_struct_ref_seq.pdbx_seq_align_beg_ins_code   ? 
_struct_ref_seq.seq_align_end                 36 
_struct_ref_seq.pdbx_seq_align_end_ins_code   ? 
_struct_ref_seq.pdbx_db_accession             Q9BP37 
_struct_ref_seq.db_align_beg                  53 
_struct_ref_seq.pdbx_db_align_beg_ins_code    ? 
_struct_ref_seq.db_align_end                  88 
_struct_ref_seq.pdbx_db_align_end_ins_code    ? 
_struct_ref_seq.pdbx_auth_seq_align_beg       1 
_struct_ref_seq.pdbx_auth_seq_align_end       36 
# 
_pdbx_struct_assembly.id                   1 
_pdbx_struct_assembly.details              author_defined_assembly 
_pdbx_struct_assembly.method_details       ? 
_pdbx_struct_assembly.oligomeric_details   monomeric 
_pdbx_struct_assembly.oligomeric_count     1 
# 
_pdbx_struct_assembly_gen.assembly_id       1 
_pdbx_struct_assembly_gen.oper_expression   1 
_pdbx_struct_assembly_gen.asym_id_list      A 
# 
_pdbx_struct_oper_list.id                   1 
_pdbx_struct_oper_list.type                 'identity operation' 
_pdbx_struct_oper_list.name                 1_555 
_pdbx_struct_oper_list.symmetry_operation   x,y,z 
_pdbx_struct_oper_list.matrix[1][1]         1.0000000000 
_pdbx_struct_oper_list.matrix[1][2]         0.0000000000 
_pdbx_struct_oper_list.matrix[1][3]         0.0000000000 
_pdbx_struct_oper_list.vector[1]            0.0000000000 
_pdbx_struct_oper_list.matrix[2][1]         0.0000000000 
_pdbx_struct_oper_list.matrix[2][2]         1.0000000000 
_pdbx_struct_oper_list.matrix[2][3]         0.0000000000 
_pdbx_struct_oper_list.vector[2]            0.0000000000 
_pdbx_struct_oper_list.matrix[3][1]         0.0000000000 
_pdbx_struct_oper_list.matrix[3][2]         0.0000000000 
_pdbx_struct_oper_list.matrix[3][3]         1.0000000000 
_pdbx_struct_oper_list.vector[3]            0.0000000000 
# 
_struct_biol.id        1 
_struct_biol.details   ? 
# 
_struct_conf.conf_type_id            HELX_P 
_struct_conf.id                      HELX_P1 
_struct_conf.pdbx_PDB_helix_id       1 
_struct_conf.beg_label_comp_id       ARG 
_struct_conf.beg_label_asym_id       A 
_struct_conf.beg_label_seq_id        26 
_struct_conf.pdbx_beg_PDB_ins_code   ? 
_struct_conf.end_label_comp_id       MET 
_struct_conf.end_label_asym_id       A 
_struct_conf.end_label_seq_id        30 
_struct_conf.pdbx_end_PDB_ins_code   ? 
_struct_conf.beg_auth_comp_id        ARG 
_struct_conf.beg_auth_asym_id        A 
_struct_conf.beg_auth_seq_id         26 
_struct_conf.end_auth_comp_id        MET 
_struct_conf.end_auth_asym_id        A 
_struct_conf.end_auth_seq_id         30 
_struct_conf.pdbx_PDB_helix_class    5 
_struct_conf.details                 ? 
_struct_conf.pdbx_PDB_helix_length   5 
# 
_struct_conf_type.id          HELX_P 
_struct_conf_type.criteria    ? 
_struct_conf_type.reference   ? 
# 
_struct_conn.id                            disulf1 
_struct_conn.conn_type_id                  disulf 
_struct_conn.pdbx_leaving_atom_flag        ? 
_struct_conn.pdbx_PDB_id                   ? 
_struct_conn.ptnr1_label_asym_id           A 
_struct_conn.ptnr1_label_comp_id           CYS 
_struct_conn.ptnr1_label_seq_id            15 
_struct_conn.ptnr1_label_atom_id           SG 
_struct_conn.pdbx_ptnr1_label_alt_id       ? 
_struct_conn.pdbx_ptnr1_PDB_ins_code       ? 
_struct_conn.pdbx_ptnr1_standard_comp_id   ? 
_struct_conn.ptnr1_symmetry                1_555 
_struct_conn.ptnr2_label_asym_id           A 
_struct_conn.ptnr2_label_comp_id           CYS 
_struct_conn.ptnr2_label_seq_id            27 
_struct_conn.ptnr2_label_atom_id           SG 
_struct_conn.pdbx_ptnr2_label_alt_id       ? 
_struct_conn.pdbx_ptnr2_PDB_ins_code       ? 
_struct_conn.ptnr1_auth_asym_id            A 
_struct_conn.ptnr1_auth_comp_id            CYS 
_struct_conn.ptnr1_auth_seq_id             15 
_struct_conn.ptnr2_auth_asym_id            A 
_struct_conn.ptnr2_auth_comp_id            CYS 
_struct_conn.ptnr2_auth_seq_id             27 
_struct_conn.ptnr2_symmetry                1_555 
_struct_conn.pdbx_ptnr3_label_atom_id      ? 
_struct_conn.pdbx_ptnr3_label_seq_id       ? 
_struct_conn.pdbx_ptnr3_label_comp_id      ? 
_struct_conn.pdbx_ptnr3_label_asym_id      ? 
_struct_conn.pdbx_ptnr3_label_alt_id       ? 
_struct_conn.pdbx_ptnr3_PDB_ins_code       ? 
_struct_conn.details                       ? 
_struct_conn.pdbx_dist_value               2.861 
_struct_conn.pdbx_value_order              ? 
_struct_conn.pdbx_role                     ? 
# 
_struct_conn_type.id          disulf 
_struct_conn_type.criteria    ? 
_struct_conn_type.reference   ? 
# 
_pdbx_modification_feature.ordinal                            1 
_pdbx_modification_feature.label_comp_id                      CYS 
_pdbx_modification_feature.label_asym_id                      A 
_pdbx_modification_feature.label_seq_id                       15 
_pdbx_modification_feature.label_alt_id                       ? 
_pdbx_modification_feature.modified_residue_label_comp_id     CYS 
_pdbx_modification_feature.modified_residue_label_asym_id     A 
_pdbx_modification_feature.modified_residue_label_seq_id      27 
_pdbx_modification_feature.modified_residue_label_alt_id      ? 
_pdbx_modification_feature.auth_comp_id                       CYS 
_pdbx_modification_feature.auth_asym_id                       A 
_pdbx_modification_feature.auth_seq_id                        15 
_pdbx_modification_feature.PDB_ins_code                       ? 
_pdbx_modification_feature.symmetry                           1_555 
_pdbx_modification_feature.modified_residue_auth_comp_id      CYS 
_pdbx_modification_feature.modified_residue_auth_asym_id      A 
_pdbx_modification_feature.modified_residue_auth_seq_id       27 
_pdbx_modification_feature.modified_residue_PDB_ins_code      ? 
_pdbx_modification_feature.modified_residue_symmetry          1_555 
_pdbx_modification_feature.comp_id_linking_atom               SG 
_pdbx_modification_feature.modified_residue_id_linking_atom   SG 
_pdbx_modification_feature.modified_residue_id                . 
_pdbx_modification_feature.ref_pcm_id                         . 
_pdbx_modification_feature.ref_comp_id                        . 
_pdbx_modification_feature.type                               None 
_pdbx_modification_feature.category                           'Disulfide bridge' 
# 
_pdbx_entry_details.entry_id                   2JYP 
_pdbx_entry_details.compound_details           ? 
_pdbx_entry_details.source_details             ? 
_pdbx_entry_details.nonpolymer_details         ? 
_pdbx_entry_details.sequence_details           ? 
_pdbx_entry_details.has_ligand_of_interest     ? 
_pdbx_entry_details.has_protein_modification   Y 
# 
loop_
_pdbx_validate_close_contact.id 
_pdbx_validate_close_contact.PDB_model_num 
_pdbx_validate_close_contact.auth_atom_id_1 
_pdbx_validate_close_contact.auth_asym_id_1 
_pdbx_validate_close_contact.auth_comp_id_1 
_pdbx_validate_close_contact.auth_seq_id_1 
_pdbx_validate_close_contact.PDB_ins_code_1 
_pdbx_validate_close_contact.label_alt_id_1 
_pdbx_validate_close_contact.auth_atom_id_2 
_pdbx_validate_close_contact.auth_asym_id_2 
_pdbx_validate_close_contact.auth_comp_id_2 
_pdbx_validate_close_contact.auth_seq_id_2 
_pdbx_validate_close_contact.PDB_ins_code_2 
_pdbx_validate_close_contact.label_alt_id_2 
_pdbx_validate_close_contact.dist 
1  1 H   A TYR 31 ? ? H   A CYS 32 ? ? 0.94 
2  1 H   A ARG 2  ? ? H   A HIS 3  ? ? 1.13 
3  1 O   A ASP 29 ? ? H   A SER 33 ? ? 1.16 
4  1 O   A ASP 29 ? ? H   A CYS 32 ? ? 1.26 
5  1 O   A ASP 29 ? ? H   A TYR 31 ? ? 1.27 
6  1 H   A CYS 27 ? ? HH  A TYR 31 ? ? 1.27 
7  1 O   A ARG 7  ? ? H   A GLU 11 ? ? 1.27 
8  1 O   A LEU 14 ? ? HE  A ARG 24 ? ? 1.29 
9  1 HG1 A THR 35 ? ? H   A ASN 36 ? ? 1.29 
10 1 O   A ARG 26 ? ? H   A ASP 29 ? ? 1.30 
11 1 H1  A THR 1  ? ? NE2 A HIS 3  ? ? 1.58 
12 1 O   A CYS 12 ? ? H   A TYR 16 ? ? 1.58 
13 1 O   A ARG 26 ? ? N   A ILE 28 ? ? 2.08 
14 1 O   A ASP 29 ? ? N   A SER 33 ? ? 2.12 
15 1 O   A LEU 14 ? ? NE  A ARG 24 ? ? 2.14 
16 1 O   A ARG 7  ? ? N   A HIS 10 ? ? 2.15 
17 1 O   A CYS 12 ? ? N   A TYR 16 ? ? 2.17 
18 1 O   A ASP 29 ? ? N   A CYS 32 ? ? 2.18 
19 1 O   A ASP 29 ? ? N   A TYR 31 ? ? 2.18 
# 
loop_
_pdbx_validate_torsion.id 
_pdbx_validate_torsion.PDB_model_num 
_pdbx_validate_torsion.auth_comp_id 
_pdbx_validate_torsion.auth_asym_id 
_pdbx_validate_torsion.auth_seq_id 
_pdbx_validate_torsion.PDB_ins_code 
_pdbx_validate_torsion.label_alt_id 
_pdbx_validate_torsion.phi 
_pdbx_validate_torsion.psi 
1  1 ARG A 2  ? ? -165.40 -7.66   
2  1 SER A 4  ? ? 161.47  27.21   
3  1 ARG A 6  ? ? -61.94  10.92   
4  1 ARG A 7  ? ? -139.17 -65.72  
5  1 PRO A 8  ? ? -27.73  -38.30  
6  1 GLU A 11 ? ? 38.71   25.15   
7  1 ALA A 13 ? ? -104.28 -68.92  
8  1 LEU A 14 ? ? -54.49  -0.91   
9  1 CYS A 15 ? ? -124.51 -61.36  
10 1 SER A 17 ? ? 170.05  -19.88  
11 1 GLU A 23 ? ? -78.39  -161.63 
12 1 ARG A 24 ? ? 68.86   -18.66  
13 1 ARG A 26 ? ? 67.21   98.43   
14 1 CYS A 27 ? ? -29.54  74.09   
15 1 ASP A 29 ? ? 81.91   10.28   
16 1 MET A 30 ? ? -50.07  48.77   
17 1 TYR A 31 ? ? -168.71 -12.66  
18 1 THR A 35 ? ? -45.95  -151.19 
# 
_pdbx_nmr_ensemble.average_constraint_violations_per_residue     ? 
_pdbx_nmr_ensemble.average_constraints_per_residue               ? 
_pdbx_nmr_ensemble.average_distance_constraint_violation         ? 
_pdbx_nmr_ensemble.average_torsion_angle_constraint_violation    ? 
_pdbx_nmr_ensemble.conformer_selection_criteria                  'structures with the least restraint violations' 
_pdbx_nmr_ensemble.conformers_calculated_total_number            1000 
_pdbx_nmr_ensemble.conformers_submitted_total_number             1 
_pdbx_nmr_ensemble.distance_constraint_violation_method          ? 
_pdbx_nmr_ensemble.entry_id                                      2JYP 
_pdbx_nmr_ensemble.maximum_distance_constraint_violation         ? 
_pdbx_nmr_ensemble.maximum_lower_distance_constraint_violation   ? 
_pdbx_nmr_ensemble.maximum_torsion_angle_constraint_violation    ? 
_pdbx_nmr_ensemble.maximum_upper_distance_constraint_violation   ? 
_pdbx_nmr_ensemble.torsion_angle_constraint_violation_method     ? 
# 
_pdbx_nmr_representative.conformer_id         1 
_pdbx_nmr_representative.entry_id             2JYP 
_pdbx_nmr_representative.selection_criteria   'minimized average structure' 
# 
_pdbx_nmr_sample_details.contents         '450 uM AP7C, 50 uM DTT, 90% H2O/10% D2O' 
_pdbx_nmr_sample_details.solution_id      1 
_pdbx_nmr_sample_details.solvent_system   '90% H2O/10% D2O' 
# 
loop_
_pdbx_nmr_exptl_sample.component 
_pdbx_nmr_exptl_sample.concentration 
_pdbx_nmr_exptl_sample.concentration_units 
_pdbx_nmr_exptl_sample.isotopic_labeling 
_pdbx_nmr_exptl_sample.solution_id 
AP7C 450 uM ? 1 
DTT  50  uM ? 1 
# 
_pdbx_nmr_exptl_sample_conditions.conditions_id       1 
_pdbx_nmr_exptl_sample_conditions.ionic_strength      ? 
_pdbx_nmr_exptl_sample_conditions.pH                  7.5 
_pdbx_nmr_exptl_sample_conditions.pressure            ambient 
_pdbx_nmr_exptl_sample_conditions.pressure_units      ? 
_pdbx_nmr_exptl_sample_conditions.temperature         293 
_pdbx_nmr_exptl_sample_conditions.temperature_units   K 
# 
loop_
_pdbx_nmr_exptl.conditions_id 
_pdbx_nmr_exptl.experiment_id 
_pdbx_nmr_exptl.solution_id 
_pdbx_nmr_exptl.type 
1 1 1 '2D 1H-1H NOESY' 
1 2 1 '2D 1H-1H TOCSY' 
# 
_pdbx_nmr_refine.entry_id           2JYP 
_pdbx_nmr_refine.method             'simulated annealing, molecular dynamics' 
_pdbx_nmr_refine.details            ? 
_pdbx_nmr_refine.software_ordinal   1 
# 
loop_
_pdbx_nmr_software.authors 
_pdbx_nmr_software.classification 
_pdbx_nmr_software.name 
_pdbx_nmr_software.version 
_pdbx_nmr_software.ordinal 
'Delaglio, F. et al.' 'chemical shift assignment' NMRPipe ? 1 
'Delaglio, F. et al.' processing                  NMRPipe ? 2 
'Delaglio, F. et al.' 'data analysis'             NMRPipe ? 3 
# 
loop_
_chem_comp_atom.comp_id 
_chem_comp_atom.atom_id 
_chem_comp_atom.type_symbol 
_chem_comp_atom.pdbx_aromatic_flag 
_chem_comp_atom.pdbx_stereo_config 
_chem_comp_atom.pdbx_ordinal 
ALA N    N N N 1   
ALA CA   C N S 2   
ALA C    C N N 3   
ALA O    O N N 4   
ALA CB   C N N 5   
ALA OXT  O N N 6   
ALA H    H N N 7   
ALA H2   H N N 8   
ALA HA   H N N 9   
ALA HB1  H N N 10  
ALA HB2  H N N 11  
ALA HB3  H N N 12  
ALA HXT  H N N 13  
ARG N    N N N 14  
ARG CA   C N S 15  
ARG C    C N N 16  
ARG O    O N N 17  
ARG CB   C N N 18  
ARG CG   C N N 19  
ARG CD   C N N 20  
ARG NE   N N N 21  
ARG CZ   C N N 22  
ARG NH1  N N N 23  
ARG NH2  N N N 24  
ARG OXT  O N N 25  
ARG H    H N N 26  
ARG H2   H N N 27  
ARG HA   H N N 28  
ARG HB2  H N N 29  
ARG HB3  H N N 30  
ARG HG2  H N N 31  
ARG HG3  H N N 32  
ARG HD2  H N N 33  
ARG HD3  H N N 34  
ARG HE   H N N 35  
ARG HH11 H N N 36  
ARG HH12 H N N 37  
ARG HH21 H N N 38  
ARG HH22 H N N 39  
ARG HXT  H N N 40  
ASN N    N N N 41  
ASN CA   C N S 42  
ASN C    C N N 43  
ASN O    O N N 44  
ASN CB   C N N 45  
ASN CG   C N N 46  
ASN OD1  O N N 47  
ASN ND2  N N N 48  
ASN OXT  O N N 49  
ASN H    H N N 50  
ASN H2   H N N 51  
ASN HA   H N N 52  
ASN HB2  H N N 53  
ASN HB3  H N N 54  
ASN HD21 H N N 55  
ASN HD22 H N N 56  
ASN HXT  H N N 57  
ASP N    N N N 58  
ASP CA   C N S 59  
ASP C    C N N 60  
ASP O    O N N 61  
ASP CB   C N N 62  
ASP CG   C N N 63  
ASP OD1  O N N 64  
ASP OD2  O N N 65  
ASP OXT  O N N 66  
ASP H    H N N 67  
ASP H2   H N N 68  
ASP HA   H N N 69  
ASP HB2  H N N 70  
ASP HB3  H N N 71  
ASP HD2  H N N 72  
ASP HXT  H N N 73  
CYS N    N N N 74  
CYS CA   C N R 75  
CYS C    C N N 76  
CYS O    O N N 77  
CYS CB   C N N 78  
CYS SG   S N N 79  
CYS OXT  O N N 80  
CYS H    H N N 81  
CYS H2   H N N 82  
CYS HA   H N N 83  
CYS HB2  H N N 84  
CYS HB3  H N N 85  
CYS HG   H N N 86  
CYS HXT  H N N 87  
GLN N    N N N 88  
GLN CA   C N S 89  
GLN C    C N N 90  
GLN O    O N N 91  
GLN CB   C N N 92  
GLN CG   C N N 93  
GLN CD   C N N 94  
GLN OE1  O N N 95  
GLN NE2  N N N 96  
GLN OXT  O N N 97  
GLN H    H N N 98  
GLN H2   H N N 99  
GLN HA   H N N 100 
GLN HB2  H N N 101 
GLN HB3  H N N 102 
GLN HG2  H N N 103 
GLN HG3  H N N 104 
GLN HE21 H N N 105 
GLN HE22 H N N 106 
GLN HXT  H N N 107 
GLU N    N N N 108 
GLU CA   C N S 109 
GLU C    C N N 110 
GLU O    O N N 111 
GLU CB   C N N 112 
GLU CG   C N N 113 
GLU CD   C N N 114 
GLU OE1  O N N 115 
GLU OE2  O N N 116 
GLU OXT  O N N 117 
GLU H    H N N 118 
GLU H2   H N N 119 
GLU HA   H N N 120 
GLU HB2  H N N 121 
GLU HB3  H N N 122 
GLU HG2  H N N 123 
GLU HG3  H N N 124 
GLU HE2  H N N 125 
GLU HXT  H N N 126 
GLY N    N N N 127 
GLY CA   C N N 128 
GLY C    C N N 129 
GLY O    O N N 130 
GLY OXT  O N N 131 
GLY H    H N N 132 
GLY H2   H N N 133 
GLY HA2  H N N 134 
GLY HA3  H N N 135 
GLY HXT  H N N 136 
HIS N    N N N 137 
HIS CA   C N S 138 
HIS C    C N N 139 
HIS O    O N N 140 
HIS CB   C N N 141 
HIS CG   C Y N 142 
HIS ND1  N Y N 143 
HIS CD2  C Y N 144 
HIS CE1  C Y N 145 
HIS NE2  N Y N 146 
HIS OXT  O N N 147 
HIS H    H N N 148 
HIS H2   H N N 149 
HIS HA   H N N 150 
HIS HB2  H N N 151 
HIS HB3  H N N 152 
HIS HD1  H N N 153 
HIS HD2  H N N 154 
HIS HE1  H N N 155 
HIS HE2  H N N 156 
HIS HXT  H N N 157 
ILE N    N N N 158 
ILE CA   C N S 159 
ILE C    C N N 160 
ILE O    O N N 161 
ILE CB   C N S 162 
ILE CG1  C N N 163 
ILE CG2  C N N 164 
ILE CD1  C N N 165 
ILE OXT  O N N 166 
ILE H    H N N 167 
ILE H2   H N N 168 
ILE HA   H N N 169 
ILE HB   H N N 170 
ILE HG12 H N N 171 
ILE HG13 H N N 172 
ILE HG21 H N N 173 
ILE HG22 H N N 174 
ILE HG23 H N N 175 
ILE HD11 H N N 176 
ILE HD12 H N N 177 
ILE HD13 H N N 178 
ILE HXT  H N N 179 
LEU N    N N N 180 
LEU CA   C N S 181 
LEU C    C N N 182 
LEU O    O N N 183 
LEU CB   C N N 184 
LEU CG   C N N 185 
LEU CD1  C N N 186 
LEU CD2  C N N 187 
LEU OXT  O N N 188 
LEU H    H N N 189 
LEU H2   H N N 190 
LEU HA   H N N 191 
LEU HB2  H N N 192 
LEU HB3  H N N 193 
LEU HG   H N N 194 
LEU HD11 H N N 195 
LEU HD12 H N N 196 
LEU HD13 H N N 197 
LEU HD21 H N N 198 
LEU HD22 H N N 199 
LEU HD23 H N N 200 
LEU HXT  H N N 201 
MET N    N N N 202 
MET CA   C N S 203 
MET C    C N N 204 
MET O    O N N 205 
MET CB   C N N 206 
MET CG   C N N 207 
MET SD   S N N 208 
MET CE   C N N 209 
MET OXT  O N N 210 
MET H    H N N 211 
MET H2   H N N 212 
MET HA   H N N 213 
MET HB2  H N N 214 
MET HB3  H N N 215 
MET HG2  H N N 216 
MET HG3  H N N 217 
MET HE1  H N N 218 
MET HE2  H N N 219 
MET HE3  H N N 220 
MET HXT  H N N 221 
PHE N    N N N 222 
PHE CA   C N S 223 
PHE C    C N N 224 
PHE O    O N N 225 
PHE CB   C N N 226 
PHE CG   C Y N 227 
PHE CD1  C Y N 228 
PHE CD2  C Y N 229 
PHE CE1  C Y N 230 
PHE CE2  C Y N 231 
PHE CZ   C Y N 232 
PHE OXT  O N N 233 
PHE H    H N N 234 
PHE H2   H N N 235 
PHE HA   H N N 236 
PHE HB2  H N N 237 
PHE HB3  H N N 238 
PHE HD1  H N N 239 
PHE HD2  H N N 240 
PHE HE1  H N N 241 
PHE HE2  H N N 242 
PHE HZ   H N N 243 
PHE HXT  H N N 244 
PRO N    N N N 245 
PRO CA   C N S 246 
PRO C    C N N 247 
PRO O    O N N 248 
PRO CB   C N N 249 
PRO CG   C N N 250 
PRO CD   C N N 251 
PRO OXT  O N N 252 
PRO H    H N N 253 
PRO HA   H N N 254 
PRO HB2  H N N 255 
PRO HB3  H N N 256 
PRO HG2  H N N 257 
PRO HG3  H N N 258 
PRO HD2  H N N 259 
PRO HD3  H N N 260 
PRO HXT  H N N 261 
SER N    N N N 262 
SER CA   C N S 263 
SER C    C N N 264 
SER O    O N N 265 
SER CB   C N N 266 
SER OG   O N N 267 
SER OXT  O N N 268 
SER H    H N N 269 
SER H2   H N N 270 
SER HA   H N N 271 
SER HB2  H N N 272 
SER HB3  H N N 273 
SER HG   H N N 274 
SER HXT  H N N 275 
THR N    N N N 276 
THR CA   C N S 277 
THR C    C N N 278 
THR O    O N N 279 
THR CB   C N R 280 
THR OG1  O N N 281 
THR CG2  C N N 282 
THR OXT  O N N 283 
THR H    H N N 284 
THR H2   H N N 285 
THR HA   H N N 286 
THR HB   H N N 287 
THR HG1  H N N 288 
THR HG21 H N N 289 
THR HG22 H N N 290 
THR HG23 H N N 291 
THR HXT  H N N 292 
TYR N    N N N 293 
TYR CA   C N S 294 
TYR C    C N N 295 
TYR O    O N N 296 
TYR CB   C N N 297 
TYR CG   C Y N 298 
TYR CD1  C Y N 299 
TYR CD2  C Y N 300 
TYR CE1  C Y N 301 
TYR CE2  C Y N 302 
TYR CZ   C Y N 303 
TYR OH   O N N 304 
TYR OXT  O N N 305 
TYR H    H N N 306 
TYR H2   H N N 307 
TYR HA   H N N 308 
TYR HB2  H N N 309 
TYR HB3  H N N 310 
TYR HD1  H N N 311 
TYR HD2  H N N 312 
TYR HE1  H N N 313 
TYR HE2  H N N 314 
TYR HH   H N N 315 
TYR HXT  H N N 316 
# 
loop_
_chem_comp_bond.comp_id 
_chem_comp_bond.atom_id_1 
_chem_comp_bond.atom_id_2 
_chem_comp_bond.value_order 
_chem_comp_bond.pdbx_aromatic_flag 
_chem_comp_bond.pdbx_stereo_config 
_chem_comp_bond.pdbx_ordinal 
ALA N   CA   sing N N 1   
ALA N   H    sing N N 2   
ALA N   H2   sing N N 3   
ALA CA  C    sing N N 4   
ALA CA  CB   sing N N 5   
ALA CA  HA   sing N N 6   
ALA C   O    doub N N 7   
ALA C   OXT  sing N N 8   
ALA CB  HB1  sing N N 9   
ALA CB  HB2  sing N N 10  
ALA CB  HB3  sing N N 11  
ALA OXT HXT  sing N N 12  
ARG N   CA   sing N N 13  
ARG N   H    sing N N 14  
ARG N   H2   sing N N 15  
ARG CA  C    sing N N 16  
ARG CA  CB   sing N N 17  
ARG CA  HA   sing N N 18  
ARG C   O    doub N N 19  
ARG C   OXT  sing N N 20  
ARG CB  CG   sing N N 21  
ARG CB  HB2  sing N N 22  
ARG CB  HB3  sing N N 23  
ARG CG  CD   sing N N 24  
ARG CG  HG2  sing N N 25  
ARG CG  HG3  sing N N 26  
ARG CD  NE   sing N N 27  
ARG CD  HD2  sing N N 28  
ARG CD  HD3  sing N N 29  
ARG NE  CZ   sing N N 30  
ARG NE  HE   sing N N 31  
ARG CZ  NH1  sing N N 32  
ARG CZ  NH2  doub N N 33  
ARG NH1 HH11 sing N N 34  
ARG NH1 HH12 sing N N 35  
ARG NH2 HH21 sing N N 36  
ARG NH2 HH22 sing N N 37  
ARG OXT HXT  sing N N 38  
ASN N   CA   sing N N 39  
ASN N   H    sing N N 40  
ASN N   H2   sing N N 41  
ASN CA  C    sing N N 42  
ASN CA  CB   sing N N 43  
ASN CA  HA   sing N N 44  
ASN C   O    doub N N 45  
ASN C   OXT  sing N N 46  
ASN CB  CG   sing N N 47  
ASN CB  HB2  sing N N 48  
ASN CB  HB3  sing N N 49  
ASN CG  OD1  doub N N 50  
ASN CG  ND2  sing N N 51  
ASN ND2 HD21 sing N N 52  
ASN ND2 HD22 sing N N 53  
ASN OXT HXT  sing N N 54  
ASP N   CA   sing N N 55  
ASP N   H    sing N N 56  
ASP N   H2   sing N N 57  
ASP CA  C    sing N N 58  
ASP CA  CB   sing N N 59  
ASP CA  HA   sing N N 60  
ASP C   O    doub N N 61  
ASP C   OXT  sing N N 62  
ASP CB  CG   sing N N 63  
ASP CB  HB2  sing N N 64  
ASP CB  HB3  sing N N 65  
ASP CG  OD1  doub N N 66  
ASP CG  OD2  sing N N 67  
ASP OD2 HD2  sing N N 68  
ASP OXT HXT  sing N N 69  
CYS N   CA   sing N N 70  
CYS N   H    sing N N 71  
CYS N   H2   sing N N 72  
CYS CA  C    sing N N 73  
CYS CA  CB   sing N N 74  
CYS CA  HA   sing N N 75  
CYS C   O    doub N N 76  
CYS C   OXT  sing N N 77  
CYS CB  SG   sing N N 78  
CYS CB  HB2  sing N N 79  
CYS CB  HB3  sing N N 80  
CYS SG  HG   sing N N 81  
CYS OXT HXT  sing N N 82  
GLN N   CA   sing N N 83  
GLN N   H    sing N N 84  
GLN N   H2   sing N N 85  
GLN CA  C    sing N N 86  
GLN CA  CB   sing N N 87  
GLN CA  HA   sing N N 88  
GLN C   O    doub N N 89  
GLN C   OXT  sing N N 90  
GLN CB  CG   sing N N 91  
GLN CB  HB2  sing N N 92  
GLN CB  HB3  sing N N 93  
GLN CG  CD   sing N N 94  
GLN CG  HG2  sing N N 95  
GLN CG  HG3  sing N N 96  
GLN CD  OE1  doub N N 97  
GLN CD  NE2  sing N N 98  
GLN NE2 HE21 sing N N 99  
GLN NE2 HE22 sing N N 100 
GLN OXT HXT  sing N N 101 
GLU N   CA   sing N N 102 
GLU N   H    sing N N 103 
GLU N   H2   sing N N 104 
GLU CA  C    sing N N 105 
GLU CA  CB   sing N N 106 
GLU CA  HA   sing N N 107 
GLU C   O    doub N N 108 
GLU C   OXT  sing N N 109 
GLU CB  CG   sing N N 110 
GLU CB  HB2  sing N N 111 
GLU CB  HB3  sing N N 112 
GLU CG  CD   sing N N 113 
GLU CG  HG2  sing N N 114 
GLU CG  HG3  sing N N 115 
GLU CD  OE1  doub N N 116 
GLU CD  OE2  sing N N 117 
GLU OE2 HE2  sing N N 118 
GLU OXT HXT  sing N N 119 
GLY N   CA   sing N N 120 
GLY N   H    sing N N 121 
GLY N   H2   sing N N 122 
GLY CA  C    sing N N 123 
GLY CA  HA2  sing N N 124 
GLY CA  HA3  sing N N 125 
GLY C   O    doub N N 126 
GLY C   OXT  sing N N 127 
GLY OXT HXT  sing N N 128 
HIS N   CA   sing N N 129 
HIS N   H    sing N N 130 
HIS N   H2   sing N N 131 
HIS CA  C    sing N N 132 
HIS CA  CB   sing N N 133 
HIS CA  HA   sing N N 134 
HIS C   O    doub N N 135 
HIS C   OXT  sing N N 136 
HIS CB  CG   sing N N 137 
HIS CB  HB2  sing N N 138 
HIS CB  HB3  sing N N 139 
HIS CG  ND1  sing Y N 140 
HIS CG  CD2  doub Y N 141 
HIS ND1 CE1  doub Y N 142 
HIS ND1 HD1  sing N N 143 
HIS CD2 NE2  sing Y N 144 
HIS CD2 HD2  sing N N 145 
HIS CE1 NE2  sing Y N 146 
HIS CE1 HE1  sing N N 147 
HIS NE2 HE2  sing N N 148 
HIS OXT HXT  sing N N 149 
ILE N   CA   sing N N 150 
ILE N   H    sing N N 151 
ILE N   H2   sing N N 152 
ILE CA  C    sing N N 153 
ILE CA  CB   sing N N 154 
ILE CA  HA   sing N N 155 
ILE C   O    doub N N 156 
ILE C   OXT  sing N N 157 
ILE CB  CG1  sing N N 158 
ILE CB  CG2  sing N N 159 
ILE CB  HB   sing N N 160 
ILE CG1 CD1  sing N N 161 
ILE CG1 HG12 sing N N 162 
ILE CG1 HG13 sing N N 163 
ILE CG2 HG21 sing N N 164 
ILE CG2 HG22 sing N N 165 
ILE CG2 HG23 sing N N 166 
ILE CD1 HD11 sing N N 167 
ILE CD1 HD12 sing N N 168 
ILE CD1 HD13 sing N N 169 
ILE OXT HXT  sing N N 170 
LEU N   CA   sing N N 171 
LEU N   H    sing N N 172 
LEU N   H2   sing N N 173 
LEU CA  C    sing N N 174 
LEU CA  CB   sing N N 175 
LEU CA  HA   sing N N 176 
LEU C   O    doub N N 177 
LEU C   OXT  sing N N 178 
LEU CB  CG   sing N N 179 
LEU CB  HB2  sing N N 180 
LEU CB  HB3  sing N N 181 
LEU CG  CD1  sing N N 182 
LEU CG  CD2  sing N N 183 
LEU CG  HG   sing N N 184 
LEU CD1 HD11 sing N N 185 
LEU CD1 HD12 sing N N 186 
LEU CD1 HD13 sing N N 187 
LEU CD2 HD21 sing N N 188 
LEU CD2 HD22 sing N N 189 
LEU CD2 HD23 sing N N 190 
LEU OXT HXT  sing N N 191 
MET N   CA   sing N N 192 
MET N   H    sing N N 193 
MET N   H2   sing N N 194 
MET CA  C    sing N N 195 
MET CA  CB   sing N N 196 
MET CA  HA   sing N N 197 
MET C   O    doub N N 198 
MET C   OXT  sing N N 199 
MET CB  CG   sing N N 200 
MET CB  HB2  sing N N 201 
MET CB  HB3  sing N N 202 
MET CG  SD   sing N N 203 
MET CG  HG2  sing N N 204 
MET CG  HG3  sing N N 205 
MET SD  CE   sing N N 206 
MET CE  HE1  sing N N 207 
MET CE  HE2  sing N N 208 
MET CE  HE3  sing N N 209 
MET OXT HXT  sing N N 210 
PHE N   CA   sing N N 211 
PHE N   H    sing N N 212 
PHE N   H2   sing N N 213 
PHE CA  C    sing N N 214 
PHE CA  CB   sing N N 215 
PHE CA  HA   sing N N 216 
PHE C   O    doub N N 217 
PHE C   OXT  sing N N 218 
PHE CB  CG   sing N N 219 
PHE CB  HB2  sing N N 220 
PHE CB  HB3  sing N N 221 
PHE CG  CD1  doub Y N 222 
PHE CG  CD2  sing Y N 223 
PHE CD1 CE1  sing Y N 224 
PHE CD1 HD1  sing N N 225 
PHE CD2 CE2  doub Y N 226 
PHE CD2 HD2  sing N N 227 
PHE CE1 CZ   doub Y N 228 
PHE CE1 HE1  sing N N 229 
PHE CE2 CZ   sing Y N 230 
PHE CE2 HE2  sing N N 231 
PHE CZ  HZ   sing N N 232 
PHE OXT HXT  sing N N 233 
PRO N   CA   sing N N 234 
PRO N   CD   sing N N 235 
PRO N   H    sing N N 236 
PRO CA  C    sing N N 237 
PRO CA  CB   sing N N 238 
PRO CA  HA   sing N N 239 
PRO C   O    doub N N 240 
PRO C   OXT  sing N N 241 
PRO CB  CG   sing N N 242 
PRO CB  HB2  sing N N 243 
PRO CB  HB3  sing N N 244 
PRO CG  CD   sing N N 245 
PRO CG  HG2  sing N N 246 
PRO CG  HG3  sing N N 247 
PRO CD  HD2  sing N N 248 
PRO CD  HD3  sing N N 249 
PRO OXT HXT  sing N N 250 
SER N   CA   sing N N 251 
SER N   H    sing N N 252 
SER N   H2   sing N N 253 
SER CA  C    sing N N 254 
SER CA  CB   sing N N 255 
SER CA  HA   sing N N 256 
SER C   O    doub N N 257 
SER C   OXT  sing N N 258 
SER CB  OG   sing N N 259 
SER CB  HB2  sing N N 260 
SER CB  HB3  sing N N 261 
SER OG  HG   sing N N 262 
SER OXT HXT  sing N N 263 
THR N   CA   sing N N 264 
THR N   H    sing N N 265 
THR N   H2   sing N N 266 
THR CA  C    sing N N 267 
THR CA  CB   sing N N 268 
THR CA  HA   sing N N 269 
THR C   O    doub N N 270 
THR C   OXT  sing N N 271 
THR CB  OG1  sing N N 272 
THR CB  CG2  sing N N 273 
THR CB  HB   sing N N 274 
THR OG1 HG1  sing N N 275 
THR CG2 HG21 sing N N 276 
THR CG2 HG22 sing N N 277 
THR CG2 HG23 sing N N 278 
THR OXT HXT  sing N N 279 
TYR N   CA   sing N N 280 
TYR N   H    sing N N 281 
TYR N   H2   sing N N 282 
TYR CA  C    sing N N 283 
TYR CA  CB   sing N N 284 
TYR CA  HA   sing N N 285 
TYR C   O    doub N N 286 
TYR C   OXT  sing N N 287 
TYR CB  CG   sing N N 288 
TYR CB  HB2  sing N N 289 
TYR CB  HB3  sing N N 290 
TYR CG  CD1  doub Y N 291 
TYR CG  CD2  sing Y N 292 
TYR CD1 CE1  sing Y N 293 
TYR CD1 HD1  sing N N 294 
TYR CD2 CE2  doub Y N 295 
TYR CD2 HD2  sing N N 296 
TYR CE1 CZ   doub Y N 297 
TYR CE1 HE1  sing N N 298 
TYR CE2 CZ   sing Y N 299 
TYR CE2 HE2  sing N N 300 
TYR CZ  OH   sing N N 301 
TYR OH  HH   sing N N 302 
TYR OXT HXT  sing N N 303 
# 
_pdbx_nmr_spectrometer.field_strength    600 
_pdbx_nmr_spectrometer.manufacturer      Varian 
_pdbx_nmr_spectrometer.model             INOVA 
_pdbx_nmr_spectrometer.spectrometer_id   1 
_pdbx_nmr_spectrometer.type              'Varian INOVA' 
# 
_atom_sites.entry_id                    2JYP 
_atom_sites.fract_transf_matrix[1][1]   1.000000 
_atom_sites.fract_transf_matrix[1][2]   0.000000 
_atom_sites.fract_transf_matrix[1][3]   0.000000 
_atom_sites.fract_transf_matrix[2][1]   0.000000 
_atom_sites.fract_transf_matrix[2][2]   1.000000 
_atom_sites.fract_transf_matrix[2][3]   0.000000 
_atom_sites.fract_transf_matrix[3][1]   0.000000 
_atom_sites.fract_transf_matrix[3][2]   0.000000 
_atom_sites.fract_transf_matrix[3][3]   1.000000 
_atom_sites.fract_transf_vector[1]      0.00000 
_atom_sites.fract_transf_vector[2]      0.00000 
_atom_sites.fract_transf_vector[3]      0.00000 
# 
loop_
_atom_type.symbol 
C 
H 
N 
O 
S 
# 
loop_
_atom_site.group_PDB 
_atom_site.id 
_atom_site.type_symbol 
_atom_site.label_atom_id 
_atom_site.label_alt_id 
_atom_site.label_comp_id 
_atom_site.label_asym_id 
_atom_site.label_entity_id 
_atom_site.label_seq_id 
_atom_site.pdbx_PDB_ins_code 
_atom_site.Cartn_x 
_atom_site.Cartn_y 
_atom_site.Cartn_z 
_atom_site.occupancy 
_atom_site.B_iso_or_equiv 
_atom_site.pdbx_formal_charge 
_atom_site.auth_seq_id 
_atom_site.auth_comp_id 
_atom_site.auth_asym_id 
_atom_site.auth_atom_id 
_atom_site.pdbx_PDB_model_num 
ATOM 1   N N    . THR A 1 1  ? 12.258  -1.143  4.622   1.00 0.00 ? 1  THR A N    1 
ATOM 2   C CA   . THR A 1 1  ? 10.944  -0.899  3.956   1.00 0.00 ? 1  THR A CA   1 
ATOM 3   C C    . THR A 1 1  ? 10.438  -2.225  3.446   1.00 0.00 ? 1  THR A C    1 
ATOM 4   O O    . THR A 1 1  ? 10.154  -2.411  2.268   1.00 0.00 ? 1  THR A O    1 
ATOM 5   C CB   . THR A 1 1  ? 11.026  0.132   2.809   1.00 0.00 ? 1  THR A CB   1 
ATOM 6   O OG1  . THR A 1 1  ? 10.774  -0.505  1.559   1.00 0.00 ? 1  THR A OG1  1 
ATOM 7   C CG2  . THR A 1 1  ? 12.398  0.820   2.763   1.00 0.00 ? 1  THR A CG2  1 
ATOM 8   H H1   . THR A 1 1  ? 12.103  -1.748  5.461   1.00 0.00 ? 1  THR A H1   1 
ATOM 9   H H2   . THR A 1 1  ? 12.676  -0.243  4.924   1.00 0.00 ? 1  THR A H2   1 
ATOM 10  H H3   . THR A 1 1  ? 12.897  -1.635  3.966   1.00 0.00 ? 1  THR A H3   1 
ATOM 11  H HA   . THR A 1 1  ? 10.250  -0.539  4.701   1.00 0.00 ? 1  THR A HA   1 
ATOM 12  H HB   . THR A 1 1  ? 10.267  0.870   2.986   1.00 0.00 ? 1  THR A HB   1 
ATOM 13  H HG1  . THR A 1 1  ? 10.629  0.178   0.891   1.00 0.00 ? 1  THR A HG1  1 
ATOM 14  H HG21 . THR A 1 1  ? 12.543  1.405   3.658   1.00 0.00 ? 1  THR A HG21 1 
ATOM 15  H HG22 . THR A 1 1  ? 12.445  1.473   1.896   1.00 0.00 ? 1  THR A HG22 1 
ATOM 16  H HG23 . THR A 1 1  ? 13.173  0.076   2.688   1.00 0.00 ? 1  THR A HG23 1 
ATOM 17  N N    . ARG A 1 2  ? 10.269  -3.120  4.385   1.00 0.00 ? 2  ARG A N    1 
ATOM 18  C CA   . ARG A 1 2  ? 9.755   -4.448  4.111   1.00 0.00 ? 2  ARG A CA   1 
ATOM 19  C C    . ARG A 1 2  ? 9.367   -5.033  5.444   1.00 0.00 ? 2  ARG A C    1 
ATOM 20  O O    . ARG A 1 2  ? 8.766   -6.106  5.549   1.00 0.00 ? 2  ARG A O    1 
ATOM 21  C CB   . ARG A 1 2  ? 10.813  -5.337  3.428   1.00 0.00 ? 2  ARG A CB   1 
ATOM 22  C CG   . ARG A 1 2  ? 12.062  -4.530  3.002   1.00 0.00 ? 2  ARG A CG   1 
ATOM 23  C CD   . ARG A 1 2  ? 11.851  -3.940  1.596   1.00 0.00 ? 2  ARG A CD   1 
ATOM 24  N NE   . ARG A 1 2  ? 12.170  -2.507  1.554   1.00 0.00 ? 2  ARG A NE   1 
ATOM 25  C CZ   . ARG A 1 2  ? 12.705  -1.956  0.464   1.00 0.00 ? 2  ARG A CZ   1 
ATOM 26  N NH1  . ARG A 1 2  ? 13.145  -2.717  -0.494  1.00 0.00 ? 2  ARG A NH1  1 
ATOM 27  N NH2  . ARG A 1 2  ? 12.811  -0.657  0.363   1.00 0.00 ? 2  ARG A NH2  1 
ATOM 28  H H    . ARG A 1 2  ? 10.448  -2.856  5.325   1.00 0.00 ? 2  ARG A H    1 
ATOM 29  H HA   . ARG A 1 2  ? 8.879   -4.374  3.481   1.00 0.00 ? 2  ARG A HA   1 
ATOM 30  H HB2  . ARG A 1 2  ? 11.114  -6.110  4.115   1.00 0.00 ? 2  ARG A HB2  1 
ATOM 31  H HB3  . ARG A 1 2  ? 10.375  -5.794  2.552   1.00 0.00 ? 2  ARG A HB3  1 
ATOM 32  H HG2  . ARG A 1 2  ? 12.258  -3.744  3.709   1.00 0.00 ? 2  ARG A HG2  1 
ATOM 33  H HG3  . ARG A 1 2  ? 12.911  -5.197  2.978   1.00 0.00 ? 2  ARG A HG3  1 
ATOM 34  H HD2  . ARG A 1 2  ? 12.486  -4.451  0.907   1.00 0.00 ? 2  ARG A HD2  1 
ATOM 35  H HD3  . ARG A 1 2  ? 10.822  -4.083  1.294   1.00 0.00 ? 2  ARG A HD3  1 
ATOM 36  H HE   . ARG A 1 2  ? 11.922  -1.935  2.307   1.00 0.00 ? 2  ARG A HE   1 
ATOM 37  H HH11 . ARG A 1 2  ? 13.083  -3.710  -0.412  1.00 0.00 ? 2  ARG A HH11 1 
ATOM 38  H HH12 . ARG A 1 2  ? 13.548  -2.308  -1.307  1.00 0.00 ? 2  ARG A HH12 1 
ATOM 39  H HH21 . ARG A 1 2  ? 12.487  -0.070  1.102   1.00 0.00 ? 2  ARG A HH21 1 
ATOM 40  H HH22 . ARG A 1 2  ? 13.217  -0.249  -0.458  1.00 0.00 ? 2  ARG A HH22 1 
ATOM 41  N N    . HIS A 1 3  ? 9.742   -4.277  6.458   1.00 0.00 ? 3  HIS A N    1 
ATOM 42  C CA   . HIS A 1 3  ? 9.487   -4.620  7.836   1.00 0.00 ? 3  HIS A CA   1 
ATOM 43  C C    . HIS A 1 3  ? 8.385   -3.752  8.395   1.00 0.00 ? 3  HIS A C    1 
ATOM 44  O O    . HIS A 1 3  ? 7.571   -4.214  9.190   1.00 0.00 ? 3  HIS A O    1 
ATOM 45  C CB   . HIS A 1 3  ? 10.739  -4.357  8.649   1.00 0.00 ? 3  HIS A CB   1 
ATOM 46  C CG   . HIS A 1 3  ? 11.510  -3.235  8.002   1.00 0.00 ? 3  HIS A CG   1 
ATOM 47  N ND1  . HIS A 1 3  ? 11.430  -1.914  8.436   1.00 0.00 ? 3  HIS A ND1  1 
ATOM 48  C CD2  . HIS A 1 3  ? 12.424  -3.236  6.979   1.00 0.00 ? 3  HIS A CD2  1 
ATOM 49  C CE1  . HIS A 1 3  ? 12.300  -1.196  7.697   1.00 0.00 ? 3  HIS A CE1  1 
ATOM 50  N NE2  . HIS A 1 3  ? 12.923  -1.951  6.792   1.00 0.00 ? 3  HIS A NE2  1 
ATOM 51  H H    . HIS A 1 3  ? 10.214  -3.442  6.265   1.00 0.00 ? 3  HIS A H    1 
ATOM 52  H HA   . HIS A 1 3  ? 9.217   -5.662  7.916   1.00 0.00 ? 3  HIS A HA   1 
ATOM 53  H HB2  . HIS A 1 3  ? 10.461  -4.075  9.655   1.00 0.00 ? 3  HIS A HB2  1 
ATOM 54  H HB3  . HIS A 1 3  ? 11.351  -5.247  8.678   1.00 0.00 ? 3  HIS A HB3  1 
ATOM 55  H HD1  . HIS A 1 3  ? 10.806  -1.557  9.107   1.00 0.00 ? 3  HIS A HD1  1 
ATOM 56  H HD2  . HIS A 1 3  ? 12.680  -4.092  6.379   1.00 0.00 ? 3  HIS A HD2  1 
ATOM 57  H HE1  . HIS A 1 3  ? 12.505  -0.149  7.851   1.00 0.00 ? 3  HIS A HE1  1 
ATOM 58  H HE2  . HIS A 1 3  ? 13.594  -1.662  6.135   1.00 0.00 ? 3  HIS A HE2  1 
ATOM 59  N N    . SER A 1 4  ? 8.363   -2.480  7.988   1.00 0.00 ? 4  SER A N    1 
ATOM 60  C CA   . SER A 1 4  ? 7.344   -1.586  8.496   1.00 0.00 ? 4  SER A CA   1 
ATOM 61  C C    . SER A 1 4  ? 7.690   -0.175  8.316   1.00 0.00 ? 4  SER A C    1 
ATOM 62  O O    . SER A 1 4  ? 7.209   0.664   9.045   1.00 0.00 ? 4  SER A O    1 
ATOM 63  C CB   . SER A 1 4  ? 7.096   -1.814  9.979   1.00 0.00 ? 4  SER A CB   1 
ATOM 64  O OG   . SER A 1 4  ? 6.181   -2.887  10.173  1.00 0.00 ? 4  SER A OG   1 
ATOM 65  H H    . SER A 1 4  ? 9.034   -2.146  7.342   1.00 0.00 ? 4  SER A H    1 
ATOM 66  H HA   . SER A 1 4  ? 6.452   -1.728  7.930   1.00 0.00 ? 4  SER A HA   1 
ATOM 67  H HB2  . SER A 1 4  ? 8.038   -2.046  10.455  1.00 0.00 ? 4  SER A HB2  1 
ATOM 68  H HB3  . SER A 1 4  ? 6.708   -0.902  10.411  1.00 0.00 ? 4  SER A HB3  1 
ATOM 69  H HG   . SER A 1 4  ? 5.661   -2.985  9.372   1.00 0.00 ? 4  SER A HG   1 
ATOM 70  N N    . PHE A 1 5  ? 8.468   0.103   7.340   1.00 0.00 ? 5  PHE A N    1 
ATOM 71  C CA   . PHE A 1 5  ? 8.770   1.453   7.064   1.00 0.00 ? 5  PHE A CA   1 
ATOM 72  C C    . PHE A 1 5  ? 8.340   1.673   5.672   1.00 0.00 ? 5  PHE A C    1 
ATOM 73  O O    . PHE A 1 5  ? 7.849   2.731   5.307   1.00 0.00 ? 5  PHE A O    1 
ATOM 74  C CB   . PHE A 1 5  ? 10.204  1.685   7.375   1.00 0.00 ? 5  PHE A CB   1 
ATOM 75  C CG   . PHE A 1 5  ? 10.248  2.032   8.838   1.00 0.00 ? 5  PHE A CG   1 
ATOM 76  C CD1  . PHE A 1 5  ? 10.097  3.357   9.210   1.00 0.00 ? 5  PHE A CD1  1 
ATOM 77  C CD2  . PHE A 1 5  ? 10.404  1.032   9.807   1.00 0.00 ? 5  PHE A CD2  1 
ATOM 78  C CE1  . PHE A 1 5  ? 10.110  3.719   10.564  1.00 0.00 ? 5  PHE A CE1  1 
ATOM 79  C CE2  . PHE A 1 5  ? 10.421  1.385   11.172  1.00 0.00 ? 5  PHE A CE2  1 
ATOM 80  C CZ   . PHE A 1 5  ? 10.276  2.732   11.549  1.00 0.00 ? 5  PHE A CZ   1 
ATOM 81  H H    . PHE A 1 5  ? 8.825   -0.610  6.764   1.00 0.00 ? 5  PHE A H    1 
ATOM 82  H HA   . PHE A 1 5  ? 8.145   2.090   7.672   1.00 0.00 ? 5  PHE A HA   1 
ATOM 83  H HB2  . PHE A 1 5  ? 10.753  0.778   7.186   1.00 0.00 ? 5  PHE A HB2  1 
ATOM 84  H HB3  . PHE A 1 5  ? 10.584  2.495   6.788   1.00 0.00 ? 5  PHE A HB3  1 
ATOM 85  H HD1  . PHE A 1 5  ? 9.946   4.098   8.444   1.00 0.00 ? 5  PHE A HD1  1 
ATOM 86  H HD2  . PHE A 1 5  ? 10.505  -0.012  9.503   1.00 0.00 ? 5  PHE A HD2  1 
ATOM 87  H HE1  . PHE A 1 5  ? 9.993   4.756   10.850  1.00 0.00 ? 5  PHE A HE1  1 
ATOM 88  H HE2  . PHE A 1 5  ? 10.539  0.622   11.929  1.00 0.00 ? 5  PHE A HE2  1 
ATOM 89  H HZ   . PHE A 1 5  ? 10.290  3.008   12.596  1.00 0.00 ? 5  PHE A HZ   1 
ATOM 90  N N    . ARG A 1 6  ? 8.328   0.582   4.956   1.00 0.00 ? 6  ARG A N    1 
ATOM 91  C CA   . ARG A 1 6  ? 7.739   0.609   3.666   1.00 0.00 ? 6  ARG A CA   1 
ATOM 92  C C    . ARG A 1 6  ? 6.256   0.960   3.836   1.00 0.00 ? 6  ARG A C    1 
ATOM 93  O O    . ARG A 1 6  ? 5.511   0.781   2.891   1.00 0.00 ? 6  ARG A O    1 
ATOM 94  C CB   . ARG A 1 6  ? 7.782   -0.743  3.006   1.00 0.00 ? 6  ARG A CB   1 
ATOM 95  C CG   . ARG A 1 6  ? 7.487   -1.845  4.032   1.00 0.00 ? 6  ARG A CG   1 
ATOM 96  C CD   . ARG A 1 6  ? 6.708   -1.318  5.235   1.00 0.00 ? 6  ARG A CD   1 
ATOM 97  N NE   . ARG A 1 6  ? 5.331   -1.169  4.889   1.00 0.00 ? 6  ARG A NE   1 
ATOM 98  C CZ   . ARG A 1 6  ? 4.594   -2.253  4.637   1.00 0.00 ? 6  ARG A CZ   1 
ATOM 99  N NH1  . ARG A 1 6  ? 5.131   -3.445  4.686   1.00 0.00 ? 6  ARG A NH1  1 
ATOM 100 N NH2  . ARG A 1 6  ? 3.345   -2.151  4.341   1.00 0.00 ? 6  ARG A NH2  1 
ATOM 101 H H    . ARG A 1 6  ? 8.602   -0.279  5.364   1.00 0.00 ? 6  ARG A H    1 
ATOM 102 H HA   . ARG A 1 6  ? 8.246   1.326   3.057   1.00 0.00 ? 6  ARG A HA   1 
ATOM 103 H HB2  . ARG A 1 6  ? 7.035   -0.775  2.227   1.00 0.00 ? 6  ARG A HB2  1 
ATOM 104 H HB3  . ARG A 1 6  ? 8.741   -0.888  2.572   1.00 0.00 ? 6  ARG A HB3  1 
ATOM 105 H HG2  . ARG A 1 6  ? 6.905   -2.620  3.560   1.00 0.00 ? 6  ARG A HG2  1 
ATOM 106 H HG3  . ARG A 1 6  ? 8.394   -2.265  4.382   1.00 0.00 ? 6  ARG A HG3  1 
ATOM 107 H HD2  . ARG A 1 6  ? 6.795   -2.029  6.004   1.00 0.00 ? 6  ARG A HD2  1 
ATOM 108 H HD3  . ARG A 1 6  ? 7.089   -0.387  5.596   1.00 0.00 ? 6  ARG A HD3  1 
ATOM 109 H HE   . ARG A 1 6  ? 4.942   -0.262  4.853   1.00 0.00 ? 6  ARG A HE   1 
ATOM 110 H HH11 . ARG A 1 6  ? 6.095   -3.553  4.916   1.00 0.00 ? 6  ARG A HH11 1 
ATOM 111 H HH12 . ARG A 1 6  ? 4.569   -4.253  4.487   1.00 0.00 ? 6  ARG A HH12 1 
ATOM 112 H HH21 . ARG A 1 6  ? 2.904   -1.261  4.299   1.00 0.00 ? 6  ARG A HH21 1 
ATOM 113 H HH22 . ARG A 1 6  ? 2.821   -2.979  4.159   1.00 0.00 ? 6  ARG A HH22 1 
ATOM 114 N N    . ARG A 1 7  ? 5.824   1.396   5.070   1.00 0.00 ? 7  ARG A N    1 
ATOM 115 C CA   . ARG A 1 7  ? 4.395   1.740   5.335   1.00 0.00 ? 7  ARG A CA   1 
ATOM 116 C C    . ARG A 1 7  ? 4.213   2.991   6.198   1.00 0.00 ? 7  ARG A C    1 
ATOM 117 O O    . ARG A 1 7  ? 3.632   3.964   5.731   1.00 0.00 ? 7  ARG A O    1 
ATOM 118 C CB   . ARG A 1 7  ? 3.624   0.581   5.951   1.00 0.00 ? 7  ARG A CB   1 
ATOM 119 C CG   . ARG A 1 7  ? 2.349   1.097   6.694   1.00 0.00 ? 7  ARG A CG   1 
ATOM 120 C CD   . ARG A 1 7  ? 2.220   0.464   8.088   1.00 0.00 ? 7  ARG A CD   1 
ATOM 121 N NE   . ARG A 1 7  ? 0.855   -0.008  8.283   1.00 0.00 ? 7  ARG A NE   1 
ATOM 122 C CZ   . ARG A 1 7  ? 0.477   -0.570  9.422   1.00 0.00 ? 7  ARG A CZ   1 
ATOM 123 N NH1  . ARG A 1 7  ? 1.336   -0.714  10.395  1.00 0.00 ? 7  ARG A NH1  1 
ATOM 124 N NH2  . ARG A 1 7  ? -0.760  -0.983  9.566   1.00 0.00 ? 7  ARG A NH2  1 
ATOM 125 H H    . ARG A 1 7  ? 6.469   1.452   5.812   1.00 0.00 ? 7  ARG A H    1 
ATOM 126 H HA   . ARG A 1 7  ? 3.923   1.949   4.410   1.00 0.00 ? 7  ARG A HA   1 
ATOM 127 H HB2  . ARG A 1 7  ? 3.318   -0.069  5.142   1.00 0.00 ? 7  ARG A HB2  1 
ATOM 128 H HB3  . ARG A 1 7  ? 4.262   0.039   6.620   1.00 0.00 ? 7  ARG A HB3  1 
ATOM 129 H HG2  . ARG A 1 7  ? 2.375   2.161   6.805   1.00 0.00 ? 7  ARG A HG2  1 
ATOM 130 H HG3  . ARG A 1 7  ? 1.474   0.838   6.111   1.00 0.00 ? 7  ARG A HG3  1 
ATOM 131 H HD2  . ARG A 1 7  ? 2.900   -0.369  8.186   1.00 0.00 ? 7  ARG A HD2  1 
ATOM 132 H HD3  . ARG A 1 7  ? 2.453   1.203   8.837   1.00 0.00 ? 7  ARG A HD3  1 
ATOM 133 H HE   . ARG A 1 7  ? 0.202   0.094   7.557   1.00 0.00 ? 7  ARG A HE   1 
ATOM 134 H HH11 . ARG A 1 7  ? 2.280   -0.403  10.278  1.00 0.00 ? 7  ARG A HH11 1 
ATOM 135 H HH12 . ARG A 1 7  ? 1.050   -1.130  11.257  1.00 0.00 ? 7  ARG A HH12 1 
ATOM 136 H HH21 . ARG A 1 7  ? -1.417  -0.873  8.816   1.00 0.00 ? 7  ARG A HH21 1 
ATOM 137 H HH22 . ARG A 1 7  ? -1.047  -1.415  10.421  1.00 0.00 ? 7  ARG A HH22 1 
ATOM 138 N N    . PRO A 1 8  ? 4.614   2.991   7.444   1.00 0.00 ? 8  PRO A N    1 
ATOM 139 C CA   . PRO A 1 8  ? 4.403   4.162   8.323   1.00 0.00 ? 8  PRO A CA   1 
ATOM 140 C C    . PRO A 1 8  ? 4.357   5.404   7.475   1.00 0.00 ? 8  PRO A C    1 
ATOM 141 O O    . PRO A 1 8  ? 3.525   6.291   7.671   1.00 0.00 ? 8  PRO A O    1 
ATOM 142 C CB   . PRO A 1 8  ? 5.599   4.112   9.247   1.00 0.00 ? 8  PRO A CB   1 
ATOM 143 C CG   . PRO A 1 8  ? 5.898   2.660   9.389   1.00 0.00 ? 8  PRO A CG   1 
ATOM 144 C CD   . PRO A 1 8  ? 5.317   1.935   8.144   1.00 0.00 ? 8  PRO A CD   1 
ATOM 145 H HA   . PRO A 1 8  ? 3.490   4.052   8.888   1.00 0.00 ? 8  PRO A HA   1 
ATOM 146 H HB2  . PRO A 1 8  ? 6.437   4.629   8.805   1.00 0.00 ? 8  PRO A HB2  1 
ATOM 147 H HB3  . PRO A 1 8  ? 5.354   4.534   10.209  1.00 0.00 ? 8  PRO A HB3  1 
ATOM 148 H HG2  . PRO A 1 8  ? 6.965   2.535   9.450   1.00 0.00 ? 8  PRO A HG2  1 
ATOM 149 H HG3  . PRO A 1 8  ? 5.432   2.276   10.280  1.00 0.00 ? 8  PRO A HG3  1 
ATOM 150 H HD2  . PRO A 1 8  ? 6.100   1.532   7.518   1.00 0.00 ? 8  PRO A HD2  1 
ATOM 151 H HD3  . PRO A 1 8  ? 4.628   1.161   8.438   1.00 0.00 ? 8  PRO A HD3  1 
ATOM 152 N N    . PHE A 1 9  ? 5.213   5.405   6.466   1.00 0.00 ? 9  PHE A N    1 
ATOM 153 C CA   . PHE A 1 9  ? 5.205   6.493   5.506   1.00 0.00 ? 9  PHE A CA   1 
ATOM 154 C C    . PHE A 1 9  ? 4.415   6.059   4.306   1.00 0.00 ? 9  PHE A C    1 
ATOM 155 O O    . PHE A 1 9  ? 3.756   6.848   3.631   1.00 0.00 ? 9  PHE A O    1 
ATOM 156 C CB   . PHE A 1 9  ? 6.604   6.811   4.998   1.00 0.00 ? 9  PHE A CB   1 
ATOM 157 C CG   . PHE A 1 9  ? 7.070   5.770   3.989   1.00 0.00 ? 9  PHE A CG   1 
ATOM 158 C CD1  . PHE A 1 9  ? 6.507   5.729   2.700   1.00 0.00 ? 9  PHE A CD1  1 
ATOM 159 C CD2  . PHE A 1 9  ? 8.103   4.882   4.316   1.00 0.00 ? 9  PHE A CD2  1 
ATOM 160 C CE1  . PHE A 1 9  ? 6.977   4.814   1.757   1.00 0.00 ? 9  PHE A CE1  1 
ATOM 161 C CE2  . PHE A 1 9  ? 8.561   3.959   3.368   1.00 0.00 ? 9  PHE A CE2  1 
ATOM 162 C CZ   . PHE A 1 9  ? 8.000   3.932   2.085   1.00 0.00 ? 9  PHE A CZ   1 
ATOM 163 H H    . PHE A 1 9  ? 5.825   4.623   6.336   1.00 0.00 ? 9  PHE A H    1 
ATOM 164 H HA   . PHE A 1 9  ? 4.765   7.375   5.946   1.00 0.00 ? 9  PHE A HA   1 
ATOM 165 H HB2  . PHE A 1 9  ? 6.577   7.770   4.504   1.00 0.00 ? 9  PHE A HB2  1 
ATOM 166 H HB3  . PHE A 1 9  ? 7.287   6.838   5.820   1.00 0.00 ? 9  PHE A HB3  1 
ATOM 167 H HD1  . PHE A 1 9  ? 5.705   6.396   2.431   1.00 0.00 ? 9  PHE A HD1  1 
ATOM 168 H HD2  . PHE A 1 9  ? 8.527   4.883   5.307   1.00 0.00 ? 9  PHE A HD2  1 
ATOM 169 H HE1  . PHE A 1 9  ? 6.536   4.782   0.773   1.00 0.00 ? 9  PHE A HE1  1 
ATOM 170 H HE2  . PHE A 1 9  ? 9.356   3.272   3.626   1.00 0.00 ? 9  PHE A HE2  1 
ATOM 171 H HZ   . PHE A 1 9  ? 8.363   3.230   1.350   1.00 0.00 ? 9  PHE A HZ   1 
ATOM 172 N N    . HIS A 1 10 ? 4.599   4.793   4.004   1.00 0.00 ? 10 HIS A N    1 
ATOM 173 C CA   . HIS A 1 10 ? 4.027   4.188   2.836   1.00 0.00 ? 10 HIS A CA   1 
ATOM 174 C C    . HIS A 1 10 ? 2.581   3.734   2.977   1.00 0.00 ? 10 HIS A C    1 
ATOM 175 O O    . HIS A 1 10 ? 1.948   3.415   1.972   1.00 0.00 ? 10 HIS A O    1 
ATOM 176 C CB   . HIS A 1 10 ? 4.877   2.995   2.487   1.00 0.00 ? 10 HIS A CB   1 
ATOM 177 C CG   . HIS A 1 10 ? 5.079   2.831   1.015   1.00 0.00 ? 10 HIS A CG   1 
ATOM 178 N ND1  . HIS A 1 10 ? 4.189   3.335   0.095   1.00 0.00 ? 10 HIS A ND1  1 
ATOM 179 C CD2  . HIS A 1 10 ? 6.023   2.136   0.301   1.00 0.00 ? 10 HIS A CD2  1 
ATOM 180 C CE1  . HIS A 1 10 ? 4.607   2.951   -1.128  1.00 0.00 ? 10 HIS A CE1  1 
ATOM 181 N NE2  . HIS A 1 10 ? 5.721   2.212   -1.060  1.00 0.00 ? 10 HIS A NE2  1 
ATOM 182 H H    . HIS A 1 10 ? 5.204   4.257   4.560   1.00 0.00 ? 10 HIS A H    1 
ATOM 183 H HA   . HIS A 1 10 ? 4.094   4.865   2.064   1.00 0.00 ? 10 HIS A HA   1 
ATOM 184 H HB2  . HIS A 1 10 ? 5.829   3.084   2.966   1.00 0.00 ? 10 HIS A HB2  1 
ATOM 185 H HB3  . HIS A 1 10 ? 4.384   2.140   2.855   1.00 0.00 ? 10 HIS A HB3  1 
ATOM 186 H HD1  . HIS A 1 10 ? 3.388   3.848   0.302   1.00 0.00 ? 10 HIS A HD1  1 
ATOM 187 H HD2  . HIS A 1 10 ? 6.846   1.570   0.741   1.00 0.00 ? 10 HIS A HD2  1 
ATOM 188 H HE1  . HIS A 1 10 ? 4.105   3.206   -2.046  1.00 0.00 ? 10 HIS A HE1  1 
ATOM 189 H HE2  . HIS A 1 10 ? 6.218   1.811   -1.806  1.00 0.00 ? 10 HIS A HE2  1 
ATOM 190 N N    . GLU A 1 11 ? 2.066   3.642   4.193   1.00 0.00 ? 11 GLU A N    1 
ATOM 191 C CA   . GLU A 1 11 ? 0.705   3.149   4.357   1.00 0.00 ? 11 GLU A CA   1 
ATOM 192 C C    . GLU A 1 11 ? 0.492   2.030   3.370   1.00 0.00 ? 11 GLU A C    1 
ATOM 193 O O    . GLU A 1 11 ? -0.624  1.703   2.962   1.00 0.00 ? 11 GLU A O    1 
ATOM 194 C CB   . GLU A 1 11 ? -0.316  4.252   4.141   1.00 0.00 ? 11 GLU A CB   1 
ATOM 195 C CG   . GLU A 1 11 ? -0.095  4.933   2.790   1.00 0.00 ? 11 GLU A CG   1 
ATOM 196 C CD   . GLU A 1 11 ? -1.252  5.886   2.492   1.00 0.00 ? 11 GLU A CD   1 
ATOM 197 O OE1  . GLU A 1 11 ? -2.313  5.406   2.128   1.00 0.00 ? 11 GLU A OE1  1 
ATOM 198 O OE2  . GLU A 1 11 ? -1.060  7.085   2.629   1.00 0.00 ? 11 GLU A OE2  1 
ATOM 199 H H    . GLU A 1 11 ? 2.611   3.865   4.978   1.00 0.00 ? 11 GLU A H    1 
ATOM 200 H HA   . GLU A 1 11 ? 0.597   2.739   5.350   1.00 0.00 ? 11 GLU A HA   1 
ATOM 201 H HB2  . GLU A 1 11 ? -1.295  3.816   4.162   1.00 0.00 ? 11 GLU A HB2  1 
ATOM 202 H HB3  . GLU A 1 11 ? -0.215  4.976   4.928   1.00 0.00 ? 11 GLU A HB3  1 
ATOM 203 H HG2  . GLU A 1 11 ? 0.831   5.489   2.812   1.00 0.00 ? 11 GLU A HG2  1 
ATOM 204 H HG3  . GLU A 1 11 ? -0.049  4.184   2.017   1.00 0.00 ? 11 GLU A HG3  1 
ATOM 205 N N    . CYS A 1 12 ? 1.612   1.446   3.030   1.00 0.00 ? 12 CYS A N    1 
ATOM 206 C CA   . CYS A 1 12 ? 1.676   0.338   2.127   1.00 0.00 ? 12 CYS A CA   1 
ATOM 207 C C    . CYS A 1 12 ? 1.544   -0.930  2.933   1.00 0.00 ? 12 CYS A C    1 
ATOM 208 O O    . CYS A 1 12 ? 1.868   -2.009  2.460   1.00 0.00 ? 12 CYS A O    1 
ATOM 209 C CB   . CYS A 1 12 ? 2.985   0.361   1.340   1.00 0.00 ? 12 CYS A CB   1 
ATOM 210 S SG   . CYS A 1 12 ? 4.096   -0.961  1.899   1.00 0.00 ? 12 CYS A SG   1 
ATOM 211 H H    . CYS A 1 12 ? 2.418   1.768   3.424   1.00 0.00 ? 12 CYS A H    1 
ATOM 212 H HA   . CYS A 1 12 ? 0.866   0.404   1.429   1.00 0.00 ? 12 CYS A HA   1 
ATOM 213 H HB2  . CYS A 1 12 ? 2.780   0.244   0.290   1.00 0.00 ? 12 CYS A HB2  1 
ATOM 214 H HB3  . CYS A 1 12 ? 3.445   1.297   1.484   1.00 0.00 ? 12 CYS A HB3  1 
ATOM 215 H HG   . CYS A 1 12 ? 3.600   -1.539  2.481   1.00 0.00 ? 12 CYS A HG   1 
ATOM 216 N N    . ALA A 1 13 ? 1.034   -0.818  4.156   1.00 0.00 ? 13 ALA A N    1 
ATOM 217 C CA   . ALA A 1 13 ? 0.839   -2.037  4.930   1.00 0.00 ? 13 ALA A CA   1 
ATOM 218 C C    . ALA A 1 13 ? -0.602  -2.396  4.950   1.00 0.00 ? 13 ALA A C    1 
ATOM 219 O O    . ALA A 1 13 ? -1.008  -3.343  4.279   1.00 0.00 ? 13 ALA A O    1 
ATOM 220 C CB   . ALA A 1 13 ? 1.400   -2.008  6.339   1.00 0.00 ? 13 ALA A CB   1 
ATOM 221 H H    . ALA A 1 13 ? 0.770   0.065   4.506   1.00 0.00 ? 13 ALA A H    1 
ATOM 222 H HA   . ALA A 1 13 ? 1.313   -2.783  4.388   1.00 0.00 ? 13 ALA A HA   1 
ATOM 223 H HB1  . ALA A 1 13 ? 1.912   -2.942  6.536   1.00 0.00 ? 13 ALA A HB1  1 
ATOM 224 H HB2  . ALA A 1 13 ? 0.599   -1.880  7.052   1.00 0.00 ? 13 ALA A HB2  1 
ATOM 225 H HB3  . ALA A 1 13 ? 2.086   -1.213  6.421   1.00 0.00 ? 13 ALA A HB3  1 
ATOM 226 N N    . LEU A 1 14 ? -1.413  -1.610  5.626   1.00 0.00 ? 14 LEU A N    1 
ATOM 227 C CA   . LEU A 1 14 ? -2.800  -1.887  5.556   1.00 0.00 ? 14 LEU A CA   1 
ATOM 228 C C    . LEU A 1 14 ? -3.117  -1.905  4.071   1.00 0.00 ? 14 LEU A C    1 
ATOM 229 O O    . LEU A 1 14 ? -4.244  -2.160  3.669   1.00 0.00 ? 14 LEU A O    1 
ATOM 230 C CB   . LEU A 1 14 ? -3.647  -0.833  6.295   1.00 0.00 ? 14 LEU A CB   1 
ATOM 231 C CG   . LEU A 1 14 ? -3.008  0.565   6.186   1.00 0.00 ? 14 LEU A CG   1 
ATOM 232 C CD1  . LEU A 1 14 ? -3.954  1.514   5.444   1.00 0.00 ? 14 LEU A CD1  1 
ATOM 233 C CD2  . LEU A 1 14 ? -2.755  1.132   7.586   1.00 0.00 ? 14 LEU A CD2  1 
ATOM 234 H H    . LEU A 1 14 ? -1.084  -0.827  6.095   1.00 0.00 ? 14 LEU A H    1 
ATOM 235 H HA   . LEU A 1 14 ? -2.975  -2.856  5.977   1.00 0.00 ? 14 LEU A HA   1 
ATOM 236 H HB2  . LEU A 1 14 ? -4.635  -0.813  5.864   1.00 0.00 ? 14 LEU A HB2  1 
ATOM 237 H HB3  . LEU A 1 14 ? -3.721  -1.114  7.334   1.00 0.00 ? 14 LEU A HB3  1 
ATOM 238 H HG   . LEU A 1 14 ? -2.076  0.500   5.649   1.00 0.00 ? 14 LEU A HG   1 
ATOM 239 H HD11 . LEU A 1 14 ? -3.523  2.505   5.419   1.00 0.00 ? 14 LEU A HD11 1 
ATOM 240 H HD12 . LEU A 1 14 ? -4.903  1.549   5.958   1.00 0.00 ? 14 LEU A HD12 1 
ATOM 241 H HD13 . LEU A 1 14 ? -4.102  1.164   4.435   1.00 0.00 ? 14 LEU A HD13 1 
ATOM 242 H HD21 . LEU A 1 14 ? -1.984  1.886   7.534   1.00 0.00 ? 14 LEU A HD21 1 
ATOM 243 H HD22 . LEU A 1 14 ? -2.438  0.343   8.251   1.00 0.00 ? 14 LEU A HD22 1 
ATOM 244 H HD23 . LEU A 1 14 ? -3.667  1.576   7.962   1.00 0.00 ? 14 LEU A HD23 1 
ATOM 245 N N    . CYS A 1 15 ? -2.068  -1.649  3.255   1.00 0.00 ? 15 CYS A N    1 
ATOM 246 C CA   . CYS A 1 15 ? -2.211  -1.645  1.822   1.00 0.00 ? 15 CYS A CA   1 
ATOM 247 C C    . CYS A 1 15 ? -1.231  -2.606  1.154   1.00 0.00 ? 15 CYS A C    1 
ATOM 248 O O    . CYS A 1 15 ? -1.669  -3.574  0.535   1.00 0.00 ? 15 CYS A O    1 
ATOM 249 C CB   . CYS A 1 15 ? -2.051  -0.234  1.286   1.00 0.00 ? 15 CYS A CB   1 
ATOM 250 S SG   . CYS A 1 15 ? -3.249  0.861   2.078   1.00 0.00 ? 15 CYS A SG   1 
ATOM 251 H H    . CYS A 1 15 ? -1.171  -1.470  3.643   1.00 0.00 ? 15 CYS A H    1 
ATOM 252 H HA   . CYS A 1 15 ? -3.188  -1.981  1.590   1.00 0.00 ? 15 CYS A HA   1 
ATOM 253 H HB2  . CYS A 1 15 ? -1.068  0.114   1.495   1.00 0.00 ? 15 CYS A HB2  1 
ATOM 254 H HB3  . CYS A 1 15 ? -2.220  -0.232  0.228   1.00 0.00 ? 15 CYS A HB3  1 
ATOM 255 H HG   . CYS A 1 15 ? -3.668  1.386   1.391   1.00 0.00 ? 15 CYS A HG   1 
ATOM 256 N N    . TYR A 1 16 ? 0.086   -2.414  1.298   1.00 0.00 ? 16 TYR A N    1 
ATOM 257 C CA   . TYR A 1 16 ? 0.980   -3.399  0.680   1.00 0.00 ? 16 TYR A CA   1 
ATOM 258 C C    . TYR A 1 16 ? 1.177   -4.521  1.679   1.00 0.00 ? 16 TYR A C    1 
ATOM 259 O O    . TYR A 1 16 ? 2.142   -4.568  2.441   1.00 0.00 ? 16 TYR A O    1 
ATOM 260 C CB   . TYR A 1 16 ? 2.322   -2.821  0.225   1.00 0.00 ? 16 TYR A CB   1 
ATOM 261 C CG   . TYR A 1 16 ? 2.532   -3.084  -1.258  1.00 0.00 ? 16 TYR A CG   1 
ATOM 262 C CD1  . TYR A 1 16 ? 1.525   -2.770  -2.176  1.00 0.00 ? 16 TYR A CD1  1 
ATOM 263 C CD2  . TYR A 1 16 ? 3.740   -3.638  -1.709  1.00 0.00 ? 16 TYR A CD2  1 
ATOM 264 C CE1  . TYR A 1 16 ? 1.720   -3.010  -3.545  1.00 0.00 ? 16 TYR A CE1  1 
ATOM 265 C CE2  . TYR A 1 16 ? 3.939   -3.878  -3.078  1.00 0.00 ? 16 TYR A CE2  1 
ATOM 266 C CZ   . TYR A 1 16 ? 2.929   -3.564  -3.998  1.00 0.00 ? 16 TYR A CZ   1 
ATOM 267 O OH   . TYR A 1 16 ? 3.128   -3.800  -5.347  1.00 0.00 ? 16 TYR A OH   1 
ATOM 268 H H    . TYR A 1 16 ? 0.450   -1.658  1.851   1.00 0.00 ? 16 TYR A H    1 
ATOM 269 H HA   . TYR A 1 16 ? 0.476   -3.806  -0.184  1.00 0.00 ? 16 TYR A HA   1 
ATOM 270 H HB2  . TYR A 1 16 ? 2.324   -1.770  0.392   1.00 0.00 ? 16 TYR A HB2  1 
ATOM 271 H HB3  . TYR A 1 16 ? 3.117   -3.289  0.783   1.00 0.00 ? 16 TYR A HB3  1 
ATOM 272 H HD1  . TYR A 1 16 ? 0.598   -2.340  -1.827  1.00 0.00 ? 16 TYR A HD1  1 
ATOM 273 H HD2  . TYR A 1 16 ? 4.520   -3.881  -1.001  1.00 0.00 ? 16 TYR A HD2  1 
ATOM 274 H HE1  . TYR A 1 16 ? 0.940   -2.771  -4.251  1.00 0.00 ? 16 TYR A HE1  1 
ATOM 275 H HE2  . TYR A 1 16 ? 4.870   -4.307  -3.420  1.00 0.00 ? 16 TYR A HE2  1 
ATOM 276 H HH   . TYR A 1 16 ? 3.869   -3.260  -5.635  1.00 0.00 ? 16 TYR A HH   1 
ATOM 277 N N    . SER A 1 17 ? 0.208   -5.407  1.646   1.00 0.00 ? 17 SER A N    1 
ATOM 278 C CA   . SER A 1 17 ? 0.144   -6.571  2.505   1.00 0.00 ? 17 SER A CA   1 
ATOM 279 C C    . SER A 1 17 ? -1.231  -7.199  2.336   1.00 0.00 ? 17 SER A C    1 
ATOM 280 O O    . SER A 1 17 ? -1.447  -8.364  2.659   1.00 0.00 ? 17 SER A O    1 
ATOM 281 C CB   . SER A 1 17 ? 0.336   -6.164  3.958   1.00 0.00 ? 17 SER A CB   1 
ATOM 282 O OG   . SER A 1 17 ? 1.567   -6.689  4.436   1.00 0.00 ? 17 SER A OG   1 
ATOM 283 H H    . SER A 1 17 ? -0.507  -5.270  1.000   1.00 0.00 ? 17 SER A H    1 
ATOM 284 H HA   . SER A 1 17 ? 0.906   -7.279  2.220   1.00 0.00 ? 17 SER A HA   1 
ATOM 285 H HB2  . SER A 1 17 ? 0.355   -5.091  4.031   1.00 0.00 ? 17 SER A HB2  1 
ATOM 286 H HB3  . SER A 1 17 ? -0.486  -6.549  4.546   1.00 0.00 ? 17 SER A HB3  1 
ATOM 287 H HG   . SER A 1 17 ? 2.214   -6.605  3.733   1.00 0.00 ? 17 SER A HG   1 
ATOM 288 N N    . ILE A 1 18 ? -2.165  -6.395  1.831   1.00 0.00 ? 18 ILE A N    1 
ATOM 289 C CA   . ILE A 1 18 ? -3.510  -6.835  1.622   1.00 0.00 ? 18 ILE A CA   1 
ATOM 290 C C    . ILE A 1 18 ? -3.979  -6.341  0.269   1.00 0.00 ? 18 ILE A C    1 
ATOM 291 O O    . ILE A 1 18 ? -4.836  -6.935  -0.363  1.00 0.00 ? 18 ILE A O    1 
ATOM 292 C CB   . ILE A 1 18 ? -4.345  -6.364  2.817   1.00 0.00 ? 18 ILE A CB   1 
ATOM 293 C CG1  . ILE A 1 18 ? -4.653  -4.869  2.715   1.00 0.00 ? 18 ILE A CG1  1 
ATOM 294 C CG2  . ILE A 1 18 ? -3.496  -6.585  4.072   1.00 0.00 ? 18 ILE A CG2  1 
ATOM 295 C CD1  . ILE A 1 18 ? -6.157  -4.627  2.904   1.00 0.00 ? 18 ILE A CD1  1 
ATOM 296 H H    . ILE A 1 18 ? -1.947  -5.487  1.605   1.00 0.00 ? 18 ILE A H    1 
ATOM 297 H HA   . ILE A 1 18 ? -3.499  -7.895  1.575   1.00 0.00 ? 18 ILE A HA   1 
ATOM 298 H HB   . ILE A 1 18 ? -5.260  -6.936  2.885   1.00 0.00 ? 18 ILE A HB   1 
ATOM 299 H HG12 . ILE A 1 18 ? -4.108  -4.336  3.486   1.00 0.00 ? 18 ILE A HG12 1 
ATOM 300 H HG13 . ILE A 1 18 ? -4.341  -4.514  1.755   1.00 0.00 ? 18 ILE A HG13 1 
ATOM 301 H HG21 . ILE A 1 18 ? -3.258  -7.632  4.171   1.00 0.00 ? 18 ILE A HG21 1 
ATOM 302 H HG22 . ILE A 1 18 ? -4.036  -6.250  4.940   1.00 0.00 ? 18 ILE A HG22 1 
ATOM 303 H HG23 . ILE A 1 18 ? -2.578  -6.019  3.984   1.00 0.00 ? 18 ILE A HG23 1 
ATOM 304 H HD11 . ILE A 1 18 ? -6.366  -3.569  2.834   1.00 0.00 ? 18 ILE A HD11 1 
ATOM 305 H HD12 . ILE A 1 18 ? -6.463  -4.989  3.877   1.00 0.00 ? 18 ILE A HD12 1 
ATOM 306 H HD13 . ILE A 1 18 ? -6.707  -5.152  2.138   1.00 0.00 ? 18 ILE A HD13 1 
ATOM 307 N N    . THR A 1 19 ? -3.283  -5.329  -0.207  1.00 0.00 ? 19 THR A N    1 
ATOM 308 C CA   . THR A 1 19 ? -3.472  -4.817  -1.564  1.00 0.00 ? 19 THR A CA   1 
ATOM 309 C C    . THR A 1 19 ? -2.271  -5.305  -2.267  1.00 0.00 ? 19 THR A C    1 
ATOM 310 O O    . THR A 1 19 ? -2.197  -5.456  -3.490  1.00 0.00 ? 19 THR A O    1 
ATOM 311 C CB   . THR A 1 19 ? -3.411  -3.306  -1.642  1.00 0.00 ? 19 THR A CB   1 
ATOM 312 O OG1  . THR A 1 19 ? -4.360  -2.763  -0.779  1.00 0.00 ? 19 THR A OG1  1 
ATOM 313 C CG2  . THR A 1 19 ? -3.679  -2.862  -3.079  1.00 0.00 ? 19 THR A CG2  1 
ATOM 314 H H    . THR A 1 19 ? -2.537  -4.984  0.335   1.00 0.00 ? 19 THR A H    1 
ATOM 315 H HA   . THR A 1 19 ? -4.375  -5.205  -2.015  1.00 0.00 ? 19 THR A HA   1 
ATOM 316 H HB   . THR A 1 19 ? -2.430  -2.972  -1.352  1.00 0.00 ? 19 THR A HB   1 
ATOM 317 H HG1  . THR A 1 19 ? -4.330  -3.270  0.032   1.00 0.00 ? 19 THR A HG1  1 
ATOM 318 H HG21 . THR A 1 19 ? -2.773  -2.943  -3.664  1.00 0.00 ? 19 THR A HG21 1 
ATOM 319 H HG22 . THR A 1 19 ? -4.003  -1.847  -3.075  1.00 0.00 ? 19 THR A HG22 1 
ATOM 320 H HG23 . THR A 1 19 ? -4.449  -3.486  -3.513  1.00 0.00 ? 19 THR A HG23 1 
ATOM 321 N N    . ASP A 1 20 ? -1.321  -5.525  -1.405  1.00 0.00 ? 20 ASP A N    1 
ATOM 322 C CA   . ASP A 1 20 ? -0.050  -5.986  -1.769  1.00 0.00 ? 20 ASP A CA   1 
ATOM 323 C C    . ASP A 1 20 ? -0.160  -6.917  -2.977  1.00 0.00 ? 20 ASP A C    1 
ATOM 324 O O    . ASP A 1 20 ? 0.568   -6.751  -3.955  1.00 0.00 ? 20 ASP A O    1 
ATOM 325 C CB   . ASP A 1 20 ? 0.525   -6.694  -0.563  1.00 0.00 ? 20 ASP A CB   1 
ATOM 326 C CG   . ASP A 1 20 ? 1.178   -8.007  -0.982  1.00 0.00 ? 20 ASP A CG   1 
ATOM 327 O OD1  . ASP A 1 20 ? 0.457   -8.901  -1.396  1.00 0.00 ? 20 ASP A OD1  1 
ATOM 328 O OD2  . ASP A 1 20 ? 2.392   -8.089  -0.911  1.00 0.00 ? 20 ASP A OD2  1 
ATOM 329 H H    . ASP A 1 20 ? -1.500  -5.354  -0.456  1.00 0.00 ? 20 ASP A H    1 
ATOM 330 H HA   . ASP A 1 20 ? 0.557   -5.122  -1.996  1.00 0.00 ? 20 ASP A HA   1 
ATOM 331 H HB2  . ASP A 1 20 ? 1.247   -6.053  -0.103  1.00 0.00 ? 20 ASP A HB2  1 
ATOM 332 H HB3  . ASP A 1 20 ? -0.278  -6.883  0.145   1.00 0.00 ? 20 ASP A HB3  1 
ATOM 333 N N    . PRO A 1 21 ? -1.071  -7.878  -2.940  1.00 0.00 ? 21 PRO A N    1 
ATOM 334 C CA   . PRO A 1 21 ? -1.290  -8.817  -4.055  1.00 0.00 ? 21 PRO A CA   1 
ATOM 335 C C    . PRO A 1 21 ? -2.323  -8.257  -5.019  1.00 0.00 ? 21 PRO A C    1 
ATOM 336 O O    . PRO A 1 21 ? -2.233  -8.476  -6.227  1.00 0.00 ? 21 PRO A O    1 
ATOM 337 C CB   . PRO A 1 21 ? -1.794  -10.095 -3.372  1.00 0.00 ? 21 PRO A CB   1 
ATOM 338 C CG   . PRO A 1 21 ? -2.235  -9.700  -1.995  1.00 0.00 ? 21 PRO A CG   1 
ATOM 339 C CD   . PRO A 1 21 ? -1.991  -8.192  -1.840  1.00 0.00 ? 21 PRO A CD   1 
ATOM 340 H HA   . PRO A 1 21 ? -0.365  -9.016  -4.569  1.00 0.00 ? 21 PRO A HA   1 
ATOM 341 H HB2  . PRO A 1 21 ? -2.624  -10.511 -3.926  1.00 0.00 ? 21 PRO A HB2  1 
ATOM 342 H HB3  . PRO A 1 21 ? -0.991  -10.815 -3.307  1.00 0.00 ? 21 PRO A HB3  1 
ATOM 343 H HG2  . PRO A 1 21 ? -3.286  -9.928  -1.867  1.00 0.00 ? 21 PRO A HG2  1 
ATOM 344 H HG3  . PRO A 1 21 ? -1.653  -10.236 -1.263  1.00 0.00 ? 21 PRO A HG3  1 
ATOM 345 H HD2  . PRO A 1 21 ? -2.917  -7.645  -1.940  1.00 0.00 ? 21 PRO A HD2  1 
ATOM 346 H HD3  . PRO A 1 21 ? -1.535  -7.990  -0.898  1.00 0.00 ? 21 PRO A HD3  1 
ATOM 347 N N    . GLY A 1 22 ? -3.304  -7.519  -4.484  1.00 0.00 ? 22 GLY A N    1 
ATOM 348 C CA   . GLY A 1 22 ? -4.344  -6.925  -5.385  1.00 0.00 ? 22 GLY A CA   1 
ATOM 349 C C    . GLY A 1 22 ? -5.674  -6.705  -4.674  1.00 0.00 ? 22 GLY A C    1 
ATOM 350 O O    . GLY A 1 22 ? -6.611  -6.171  -5.272  1.00 0.00 ? 22 GLY A O    1 
ATOM 351 H H    . GLY A 1 22 ? -3.326  -7.373  -3.466  1.00 0.00 ? 22 GLY A H    1 
ATOM 352 H HA2  . GLY A 1 22 ? -3.997  -5.963  -5.775  1.00 0.00 ? 22 GLY A HA2  1 
ATOM 353 H HA3  . GLY A 1 22 ? -4.512  -7.581  -6.238  1.00 0.00 ? 22 GLY A HA3  1 
ATOM 354 N N    . GLU A 1 23 ? -5.767  -7.086  -3.403  1.00 0.00 ? 23 GLU A N    1 
ATOM 355 C CA   . GLU A 1 23 ? -7.012  -6.873  -2.674  1.00 0.00 ? 23 GLU A CA   1 
ATOM 356 C C    . GLU A 1 23 ? -7.105  -5.421  -2.245  1.00 0.00 ? 23 GLU A C    1 
ATOM 357 O O    . GLU A 1 23 ? -6.422  -4.564  -2.801  1.00 0.00 ? 23 GLU A O    1 
ATOM 358 C CB   . GLU A 1 23 ? -7.131  -7.774  -1.437  1.00 0.00 ? 23 GLU A CB   1 
ATOM 359 C CG   . GLU A 1 23 ? -6.115  -8.925  -1.494  1.00 0.00 ? 23 GLU A CG   1 
ATOM 360 C CD   . GLU A 1 23 ? -6.115  -9.683  -0.167  1.00 0.00 ? 23 GLU A CD   1 
ATOM 361 O OE1  . GLU A 1 23 ? -7.192  -10.004 0.308   1.00 0.00 ? 23 GLU A OE1  1 
ATOM 362 O OE2  . GLU A 1 23 ? -5.040  -9.937  0.355   1.00 0.00 ? 23 GLU A OE2  1 
ATOM 363 H H    . GLU A 1 23 ? -4.999  -7.492  -2.956  1.00 0.00 ? 23 GLU A H    1 
ATOM 364 H HA   . GLU A 1 23 ? -7.842  -7.073  -3.334  1.00 0.00 ? 23 GLU A HA   1 
ATOM 365 H HB2  . GLU A 1 23 ? -6.963  -7.184  -0.551  1.00 0.00 ? 23 GLU A HB2  1 
ATOM 366 H HB3  . GLU A 1 23 ? -8.127  -8.183  -1.398  1.00 0.00 ? 23 GLU A HB3  1 
ATOM 367 H HG2  . GLU A 1 23 ? -6.389  -9.604  -2.287  1.00 0.00 ? 23 GLU A HG2  1 
ATOM 368 H HG3  . GLU A 1 23 ? -5.125  -8.541  -1.682  1.00 0.00 ? 23 GLU A HG3  1 
ATOM 369 N N    . ARG A 1 24 ? -7.965  -5.133  -1.268  1.00 0.00 ? 24 ARG A N    1 
ATOM 370 C CA   . ARG A 1 24 ? -8.116  -3.759  -0.818  1.00 0.00 ? 24 ARG A CA   1 
ATOM 371 C C    . ARG A 1 24 ? -8.775  -2.938  -1.900  1.00 0.00 ? 24 ARG A C    1 
ATOM 372 O O    . ARG A 1 24 ? -9.280  -1.843  -1.657  1.00 0.00 ? 24 ARG A O    1 
ATOM 373 C CB   . ARG A 1 24 ? -6.745  -3.173  -0.572  1.00 0.00 ? 24 ARG A CB   1 
ATOM 374 C CG   . ARG A 1 24 ? -6.843  -2.003  0.416   1.00 0.00 ? 24 ARG A CG   1 
ATOM 375 C CD   . ARG A 1 24 ? -5.505  -1.792  1.117   1.00 0.00 ? 24 ARG A CD   1 
ATOM 376 N NE   . ARG A 1 24 ? -5.658  -1.136  2.424   1.00 0.00 ? 24 ARG A NE   1 
ATOM 377 C CZ   . ARG A 1 24 ? -6.720  -0.402  2.785   1.00 0.00 ? 24 ARG A CZ   1 
ATOM 378 N NH1  . ARG A 1 24 ? -7.731  -0.190  1.987   1.00 0.00 ? 24 ARG A NH1  1 
ATOM 379 N NH2  . ARG A 1 24 ? -6.736  0.129   3.975   1.00 0.00 ? 24 ARG A NH2  1 
ATOM 380 H H    . ARG A 1 24 ? -8.501  -5.841  -0.861  1.00 0.00 ? 24 ARG A H    1 
ATOM 381 H HA   . ARG A 1 24 ? -8.694  -3.716  0.085   1.00 0.00 ? 24 ARG A HA   1 
ATOM 382 H HB2  . ARG A 1 24 ? -6.099  -3.943  -0.185  1.00 0.00 ? 24 ARG A HB2  1 
ATOM 383 H HB3  . ARG A 1 24 ? -6.359  -2.813  -1.514  1.00 0.00 ? 24 ARG A HB3  1 
ATOM 384 H HG2  . ARG A 1 24 ? -7.100  -1.104  -0.127  1.00 0.00 ? 24 ARG A HG2  1 
ATOM 385 H HG3  . ARG A 1 24 ? -7.601  -2.220  1.153   1.00 0.00 ? 24 ARG A HG3  1 
ATOM 386 H HD2  . ARG A 1 24 ? -5.048  -2.753  1.271   1.00 0.00 ? 24 ARG A HD2  1 
ATOM 387 H HD3  . ARG A 1 24 ? -4.847  -1.195  0.487   1.00 0.00 ? 24 ARG A HD3  1 
ATOM 388 H HE   . ARG A 1 24 ? -4.935  -1.244  3.080   1.00 0.00 ? 24 ARG A HE   1 
ATOM 389 H HH11 . ARG A 1 24 ? -7.743  -0.572  1.075   1.00 0.00 ? 24 ARG A HH11 1 
ATOM 390 H HH12 . ARG A 1 24 ? -8.509  0.351   2.305   1.00 0.00 ? 24 ARG A HH12 1 
ATOM 391 H HH21 . ARG A 1 24 ? -5.968  -0.018  4.601   1.00 0.00 ? 24 ARG A HH21 1 
ATOM 392 H HH22 . ARG A 1 24 ? -7.518  0.679   4.265   1.00 0.00 ? 24 ARG A HH22 1 
ATOM 393 N N    . GLN A 1 25 ? -8.726  -3.467  -3.106  1.00 0.00 ? 25 GLN A N    1 
ATOM 394 C CA   . GLN A 1 25 ? -9.281  -2.764  -4.248  1.00 0.00 ? 25 GLN A CA   1 
ATOM 395 C C    . GLN A 1 25 ? -8.596  -1.429  -4.340  1.00 0.00 ? 25 GLN A C    1 
ATOM 396 O O    . GLN A 1 25 ? -9.129  -0.452  -4.864  1.00 0.00 ? 25 GLN A O    1 
ATOM 397 C CB   . GLN A 1 25 ? -10.796 -2.624  -4.127  1.00 0.00 ? 25 GLN A CB   1 
ATOM 398 C CG   . GLN A 1 25 ? -11.420 -4.015  -4.295  1.00 0.00 ? 25 GLN A CG   1 
ATOM 399 C CD   . GLN A 1 25 ? -10.492 -5.063  -3.677  1.00 0.00 ? 25 GLN A CD   1 
ATOM 400 O OE1  . GLN A 1 25 ? -10.830 -5.670  -2.661  1.00 0.00 ? 25 GLN A OE1  1 
ATOM 401 N NE2  . GLN A 1 25 ? -9.318  -5.298  -4.224  1.00 0.00 ? 25 GLN A NE2  1 
ATOM 402 H H    . GLN A 1 25 ? -8.279  -4.339  -3.233  1.00 0.00 ? 25 GLN A H    1 
ATOM 403 H HA   . GLN A 1 25 ? -9.051  -3.313  -5.146  1.00 0.00 ? 25 GLN A HA   1 
ATOM 404 H HB2  . GLN A 1 25 ? -11.053 -2.220  -3.157  1.00 0.00 ? 25 GLN A HB2  1 
ATOM 405 H HB3  . GLN A 1 25 ? -11.164 -1.972  -4.903  1.00 0.00 ? 25 GLN A HB3  1 
ATOM 406 H HG2  . GLN A 1 25 ? -12.382 -4.044  -3.799  1.00 0.00 ? 25 GLN A HG2  1 
ATOM 407 H HG3  . GLN A 1 25 ? -11.550 -4.223  -5.345  1.00 0.00 ? 25 GLN A HG3  1 
ATOM 408 H HE21 . GLN A 1 25 ? -9.040  -4.811  -5.029  1.00 0.00 ? 25 GLN A HE21 1 
ATOM 409 H HE22 . GLN A 1 25 ? -8.697  -5.918  -3.799  1.00 0.00 ? 25 GLN A HE22 1 
ATOM 410 N N    . ARG A 1 26 ? -7.366  -1.447  -3.852  1.00 0.00 ? 26 ARG A N    1 
ATOM 411 C CA   . ARG A 1 26 ? -6.491  -0.298  -3.875  1.00 0.00 ? 26 ARG A CA   1 
ATOM 412 C C    . ARG A 1 26 ? -6.955  0.841   -2.983  1.00 0.00 ? 26 ARG A C    1 
ATOM 413 O O    . ARG A 1 26 ? -7.770  1.651   -3.404  1.00 0.00 ? 26 ARG A O    1 
ATOM 414 C CB   . ARG A 1 26 ? -6.345  0.235   -5.295  1.00 0.00 ? 26 ARG A CB   1 
ATOM 415 C CG   . ARG A 1 26 ? -6.605  -0.857  -6.361  1.00 0.00 ? 26 ARG A CG   1 
ATOM 416 C CD   . ARG A 1 26 ? -5.968  -2.211  -5.987  1.00 0.00 ? 26 ARG A CD   1 
ATOM 417 N NE   . ARG A 1 26 ? -6.918  -3.288  -6.204  1.00 0.00 ? 26 ARG A NE   1 
ATOM 418 C CZ   . ARG A 1 26 ? -7.502  -3.461  -7.384  1.00 0.00 ? 26 ARG A CZ   1 
ATOM 419 N NH1  . ARG A 1 26 ? -7.250  -2.639  -8.363  1.00 0.00 ? 26 ARG A NH1  1 
ATOM 420 N NH2  . ARG A 1 26 ? -8.326  -4.458  -7.557  1.00 0.00 ? 26 ARG A NH2  1 
ATOM 421 H H    . ARG A 1 26 ? -7.019  -2.291  -3.486  1.00 0.00 ? 26 ARG A H    1 
ATOM 422 H HA   . ARG A 1 26 ? -5.530  -0.611  -3.541  1.00 0.00 ? 26 ARG A HA   1 
ATOM 423 H HB2  . ARG A 1 26 ? -7.071  1.031   -5.425  1.00 0.00 ? 26 ARG A HB2  1 
ATOM 424 H HB3  . ARG A 1 26 ? -5.345  0.636   -5.421  1.00 0.00 ? 26 ARG A HB3  1 
ATOM 425 H HG2  . ARG A 1 26 ? -7.666  -0.988  -6.487  1.00 0.00 ? 26 ARG A HG2  1 
ATOM 426 H HG3  . ARG A 1 26 ? -6.188  -0.524  -7.301  1.00 0.00 ? 26 ARG A HG3  1 
ATOM 427 H HD2  . ARG A 1 26 ? -5.111  -2.383  -6.611  1.00 0.00 ? 26 ARG A HD2  1 
ATOM 428 H HD3  . ARG A 1 26 ? -5.658  -2.218  -4.960  1.00 0.00 ? 26 ARG A HD3  1 
ATOM 429 H HE   . ARG A 1 26 ? -7.125  -3.898  -5.470  1.00 0.00 ? 26 ARG A HE   1 
ATOM 430 H HH11 . ARG A 1 26 ? -6.619  -1.880  -8.226  1.00 0.00 ? 26 ARG A HH11 1 
ATOM 431 H HH12 . ARG A 1 26 ? -7.696  -2.763  -9.252  1.00 0.00 ? 26 ARG A HH12 1 
ATOM 432 H HH21 . ARG A 1 26 ? -8.516  -5.081  -6.800  1.00 0.00 ? 26 ARG A HH21 1 
ATOM 433 H HH22 . ARG A 1 26 ? -8.771  -4.596  -8.444  1.00 0.00 ? 26 ARG A HH22 1 
ATOM 434 N N    . CYS A 1 27 ? -6.370  0.925   -1.773  1.00 0.00 ? 27 CYS A N    1 
ATOM 435 C CA   . CYS A 1 27 ? -6.676  2.017   -0.841  1.00 0.00 ? 27 CYS A CA   1 
ATOM 436 C C    . CYS A 1 27 ? -7.056  3.265   -1.620  1.00 0.00 ? 27 CYS A C    1 
ATOM 437 O O    . CYS A 1 27 ? -6.278  4.210   -1.740  1.00 0.00 ? 27 CYS A O    1 
ATOM 438 C CB   . CYS A 1 27 ? -5.458  2.342   0.034   1.00 0.00 ? 27 CYS A CB   1 
ATOM 439 S SG   . CYS A 1 27 ? -5.856  1.999   1.764   1.00 0.00 ? 27 CYS A SG   1 
ATOM 440 H H    . CYS A 1 27 ? -5.698  0.253   -1.521  1.00 0.00 ? 27 CYS A H    1 
ATOM 441 H HA   . CYS A 1 27 ? -7.496  1.729   -0.208  1.00 0.00 ? 27 CYS A HA   1 
ATOM 442 H HB2  . CYS A 1 27 ? -4.615  1.739   -0.275  1.00 0.00 ? 27 CYS A HB2  1 
ATOM 443 H HB3  . CYS A 1 27 ? -5.205  3.392   -0.073  1.00 0.00 ? 27 CYS A HB3  1 
ATOM 444 H HG   . CYS A 1 27 ? -5.206  1.379   2.102   1.00 0.00 ? 27 CYS A HG   1 
ATOM 445 N N    . ILE A 1 28 ? -8.241  3.253   -2.170  1.00 0.00 ? 28 ILE A N    1 
ATOM 446 C CA   . ILE A 1 28 ? -8.694  4.377   -2.959  1.00 0.00 ? 28 ILE A CA   1 
ATOM 447 C C    . ILE A 1 28 ? -7.703  4.589   -4.119  1.00 0.00 ? 28 ILE A C    1 
ATOM 448 O O    . ILE A 1 28 ? -7.513  5.709   -4.579  1.00 0.00 ? 28 ILE A O    1 
ATOM 449 C CB   . ILE A 1 28 ? -8.859  5.631   -2.037  1.00 0.00 ? 28 ILE A CB   1 
ATOM 450 C CG1  . ILE A 1 28 ? -7.845  6.753   -2.344  1.00 0.00 ? 28 ILE A CG1  1 
ATOM 451 C CG2  . ILE A 1 28 ? -8.670  5.227   -0.566  1.00 0.00 ? 28 ILE A CG2  1 
ATOM 452 C CD1  . ILE A 1 28 ? -8.394  7.682   -3.440  1.00 0.00 ? 28 ILE A CD1  1 
ATOM 453 H H    . ILE A 1 28 ? -8.807  2.461   -2.065  1.00 0.00 ? 28 ILE A H    1 
ATOM 454 H HA   . ILE A 1 28 ? -9.659  4.129   -3.377  1.00 0.00 ? 28 ILE A HA   1 
ATOM 455 H HB   . ILE A 1 28 ? -9.863  6.018   -2.158  1.00 0.00 ? 28 ILE A HB   1 
ATOM 456 H HG12 . ILE A 1 28 ? -7.684  7.333   -1.444  1.00 0.00 ? 28 ILE A HG12 1 
ATOM 457 H HG13 . ILE A 1 28 ? -6.907  6.332   -2.656  1.00 0.00 ? 28 ILE A HG13 1 
ATOM 458 H HG21 . ILE A 1 28 ? -7.616  5.234   -0.324  1.00 0.00 ? 28 ILE A HG21 1 
ATOM 459 H HG22 . ILE A 1 28 ? -9.073  4.242   -0.397  1.00 0.00 ? 28 ILE A HG22 1 
ATOM 460 H HG23 . ILE A 1 28 ? -9.183  5.936   0.069   1.00 0.00 ? 28 ILE A HG23 1 
ATOM 461 H HD11 . ILE A 1 28 ? -9.074  7.138   -4.073  1.00 0.00 ? 28 ILE A HD11 1 
ATOM 462 H HD12 . ILE A 1 28 ? -7.576  8.061   -4.034  1.00 0.00 ? 28 ILE A HD12 1 
ATOM 463 H HD13 . ILE A 1 28 ? -8.916  8.513   -2.981  1.00 0.00 ? 28 ILE A HD13 1 
ATOM 464 N N    . ASP A 1 29 ? -7.075  3.462   -4.575  1.00 0.00 ? 29 ASP A N    1 
ATOM 465 C CA   . ASP A 1 29 ? -6.078  3.473   -5.684  1.00 0.00 ? 29 ASP A CA   1 
ATOM 466 C C    . ASP A 1 29 ? -4.687  3.878   -5.174  1.00 0.00 ? 29 ASP A C    1 
ATOM 467 O O    . ASP A 1 29 ? -3.796  4.128   -5.960  1.00 0.00 ? 29 ASP A O    1 
ATOM 468 C CB   . ASP A 1 29 ? -6.542  4.406   -6.818  1.00 0.00 ? 29 ASP A CB   1 
ATOM 469 C CG   . ASP A 1 29 ? -6.913  3.596   -8.061  1.00 0.00 ? 29 ASP A CG   1 
ATOM 470 O OD1  . ASP A 1 29 ? -6.285  2.581   -8.296  1.00 0.00 ? 29 ASP A OD1  1 
ATOM 471 O OD2  . ASP A 1 29 ? -7.810  4.016   -8.771  1.00 0.00 ? 29 ASP A OD2  1 
ATOM 472 H H    . ASP A 1 29 ? -7.290  2.604   -4.145  1.00 0.00 ? 29 ASP A H    1 
ATOM 473 H HA   . ASP A 1 29 ? -5.976  2.485   -6.114  1.00 0.00 ? 29 ASP A HA   1 
ATOM 474 H HB2  . ASP A 1 29 ? -7.408  4.957   -6.506  1.00 0.00 ? 29 ASP A HB2  1 
ATOM 475 H HB3  . ASP A 1 29 ? -5.748  5.087   -7.063  1.00 0.00 ? 29 ASP A HB3  1 
ATOM 476 N N    . MET A 1 30 ? -4.523  3.944   -3.848  1.00 0.00 ? 30 MET A N    1 
ATOM 477 C CA   . MET A 1 30 ? -3.247  4.347   -3.218  1.00 0.00 ? 30 MET A CA   1 
ATOM 478 C C    . MET A 1 30 ? -2.005  3.589   -3.758  1.00 0.00 ? 30 MET A C    1 
ATOM 479 O O    . MET A 1 30 ? -1.168  3.113   -2.988  1.00 0.00 ? 30 MET A O    1 
ATOM 480 C CB   . MET A 1 30 ? -3.384  4.189   -1.718  1.00 0.00 ? 30 MET A CB   1 
ATOM 481 C CG   . MET A 1 30 ? -2.097  4.633   -1.006  1.00 0.00 ? 30 MET A CG   1 
ATOM 482 S SD   . MET A 1 30 ? -1.181  3.189   -0.416  1.00 0.00 ? 30 MET A SD   1 
ATOM 483 C CE   . MET A 1 30 ? 0.474   3.869   -0.707  1.00 0.00 ? 30 MET A CE   1 
ATOM 484 H H    . MET A 1 30 ? -5.286  3.731   -3.271  1.00 0.00 ? 30 MET A H    1 
ATOM 485 H HA   . MET A 1 30 ? -3.107  5.383   -3.389  1.00 0.00 ? 30 MET A HA   1 
ATOM 486 H HB2  . MET A 1 30 ? -4.204  4.819   -1.391  1.00 0.00 ? 30 MET A HB2  1 
ATOM 487 H HB3  . MET A 1 30 ? -3.595  3.168   -1.498  1.00 0.00 ? 30 MET A HB3  1 
ATOM 488 H HG2  . MET A 1 30 ? -1.480  5.193   -1.692  1.00 0.00 ? 30 MET A HG2  1 
ATOM 489 H HG3  . MET A 1 30 ? -2.356  5.260   -0.161  1.00 0.00 ? 30 MET A HG3  1 
ATOM 490 H HE1  . MET A 1 30 ? 0.595   4.077   -1.758  1.00 0.00 ? 30 MET A HE1  1 
ATOM 491 H HE2  . MET A 1 30 ? 1.222   3.160   -0.396  1.00 0.00 ? 30 MET A HE2  1 
ATOM 492 H HE3  . MET A 1 30 ? 0.590   4.785   -0.140  1.00 0.00 ? 30 MET A HE3  1 
ATOM 493 N N    . TYR A 1 31 ? -1.886  3.526   -5.094  1.00 0.00 ? 31 TYR A N    1 
ATOM 494 C CA   . TYR A 1 31 ? -0.769  2.891   -5.799  1.00 0.00 ? 31 TYR A CA   1 
ATOM 495 C C    . TYR A 1 31 ? -0.961  3.335   -7.218  1.00 0.00 ? 31 TYR A C    1 
ATOM 496 O O    . TYR A 1 31 ? -0.089  3.253   -8.081  1.00 0.00 ? 31 TYR A O    1 
ATOM 497 C CB   . TYR A 1 31 ? -0.790  1.355   -5.700  1.00 0.00 ? 31 TYR A CB   1 
ATOM 498 C CG   . TYR A 1 31 ? -1.612  0.943   -4.513  1.00 0.00 ? 31 TYR A CG   1 
ATOM 499 C CD1  . TYR A 1 31 ? -2.950  1.322   -4.438  1.00 0.00 ? 31 TYR A CD1  1 
ATOM 500 C CD2  . TYR A 1 31 ? -1.031  0.209   -3.477  1.00 0.00 ? 31 TYR A CD2  1 
ATOM 501 C CE1  . TYR A 1 31 ? -3.713  0.979   -3.330  1.00 0.00 ? 31 TYR A CE1  1 
ATOM 502 C CE2  . TYR A 1 31 ? -1.796  -0.141  -2.365  1.00 0.00 ? 31 TYR A CE2  1 
ATOM 503 C CZ   . TYR A 1 31 ? -3.139  0.252   -2.285  1.00 0.00 ? 31 TYR A CZ   1 
ATOM 504 O OH   . TYR A 1 31 ? -3.900  -0.103  -1.190  1.00 0.00 ? 31 TYR A OH   1 
ATOM 505 H H    . TYR A 1 31 ? -2.578  3.959   -5.655  1.00 0.00 ? 31 TYR A H    1 
ATOM 506 H HA   . TYR A 1 31 ? 0.164   3.286   -5.425  1.00 0.00 ? 31 TYR A HA   1 
ATOM 507 H HB2  . TYR A 1 31 ? -1.213  0.935   -6.601  1.00 0.00 ? 31 TYR A HB2  1 
ATOM 508 H HB3  . TYR A 1 31 ? 0.221   0.993   -5.575  1.00 0.00 ? 31 TYR A HB3  1 
ATOM 509 H HD1  . TYR A 1 31 ? -3.396  1.872   -5.243  1.00 0.00 ? 31 TYR A HD1  1 
ATOM 510 H HD2  . TYR A 1 31 ? 0.009   -0.084  -3.536  1.00 0.00 ? 31 TYR A HD2  1 
ATOM 511 H HE1  . TYR A 1 31 ? -4.736  1.307   -3.271  1.00 0.00 ? 31 TYR A HE1  1 
ATOM 512 H HE2  . TYR A 1 31 ? -1.352  -0.713  -1.571  1.00 0.00 ? 31 TYR A HE2  1 
ATOM 513 H HH   . TYR A 1 31 ? -4.698  -0.531  -1.512  1.00 0.00 ? 31 TYR A HH   1 
ATOM 514 N N    . CYS A 1 32 ? -2.151  3.873   -7.368  1.00 0.00 ? 32 CYS A N    1 
ATOM 515 C CA   . CYS A 1 32 ? -2.648  4.459   -8.572  1.00 0.00 ? 32 CYS A CA   1 
ATOM 516 C C    . CYS A 1 32 ? -3.023  5.888   -8.189  1.00 0.00 ? 32 CYS A C    1 
ATOM 517 O O    . CYS A 1 32 ? -2.701  6.861   -8.870  1.00 0.00 ? 32 CYS A O    1 
ATOM 518 C CB   . CYS A 1 32 ? -3.868  3.667   -9.026  1.00 0.00 ? 32 CYS A CB   1 
ATOM 519 S SG   . CYS A 1 32 ? -3.850  2.065   -8.185  1.00 0.00 ? 32 CYS A SG   1 
ATOM 520 H H    . CYS A 1 32 ? -2.728  3.902   -6.586  1.00 0.00 ? 32 CYS A H    1 
ATOM 521 H HA   . CYS A 1 32 ? -1.884  4.452   -9.312  1.00 0.00 ? 32 CYS A HA   1 
ATOM 522 H HB2  . CYS A 1 32 ? -4.761  4.204   -8.752  1.00 0.00 ? 32 CYS A HB2  1 
ATOM 523 H HB3  . CYS A 1 32 ? -3.846  3.509   -10.089 1.00 0.00 ? 32 CYS A HB3  1 
ATOM 524 H HG   . CYS A 1 32 ? -4.720  1.928   -7.801  1.00 0.00 ? 32 CYS A HG   1 
ATOM 525 N N    . SER A 1 33 ? -3.672  5.956   -7.024  1.00 0.00 ? 33 SER A N    1 
ATOM 526 C CA   . SER A 1 33 ? -4.086  7.193   -6.393  1.00 0.00 ? 33 SER A CA   1 
ATOM 527 C C    . SER A 1 33 ? -2.876  7.883   -5.776  1.00 0.00 ? 33 SER A C    1 
ATOM 528 O O    . SER A 1 33 ? -2.907  9.076   -5.482  1.00 0.00 ? 33 SER A O    1 
ATOM 529 C CB   . SER A 1 33 ? -5.118  6.913   -5.289  1.00 0.00 ? 33 SER A CB   1 
ATOM 530 O OG   . SER A 1 33 ? -5.290  8.083   -4.492  1.00 0.00 ? 33 SER A OG   1 
ATOM 531 H H    . SER A 1 33 ? -3.853  5.123   -6.558  1.00 0.00 ? 33 SER A H    1 
ATOM 532 H HA   . SER A 1 33 ? -4.527  7.826   -7.117  1.00 0.00 ? 33 SER A HA   1 
ATOM 533 H HB2  . SER A 1 33 ? -6.057  6.653   -5.735  1.00 0.00 ? 33 SER A HB2  1 
ATOM 534 H HB3  . SER A 1 33 ? -4.782  6.093   -4.665  1.00 0.00 ? 33 SER A HB3  1 
ATOM 535 H HG   . SER A 1 33 ? -5.477  7.800   -3.592  1.00 0.00 ? 33 SER A HG   1 
ATOM 536 N N    . TYR A 1 34 ? -1.815  7.113   -5.568  1.00 0.00 ? 34 TYR A N    1 
ATOM 537 C CA   . TYR A 1 34 ? -0.591  7.667   -4.964  1.00 0.00 ? 34 TYR A CA   1 
ATOM 538 C C    . TYR A 1 34 ? 0.601   7.471   -5.898  1.00 0.00 ? 34 TYR A C    1 
ATOM 539 O O    . TYR A 1 34 ? 1.700   7.941   -5.606  1.00 0.00 ? 34 TYR A O    1 
ATOM 540 C CB   . TYR A 1 34 ? -0.313  6.990   -3.621  1.00 0.00 ? 34 TYR A CB   1 
ATOM 541 C CG   . TYR A 1 34 ? -0.842  7.869   -2.511  1.00 0.00 ? 34 TYR A CG   1 
ATOM 542 C CD1  . TYR A 1 34 ? -2.169  8.318   -2.542  1.00 0.00 ? 34 TYR A CD1  1 
ATOM 543 C CD2  . TYR A 1 34 ? -0.005  8.241   -1.454  1.00 0.00 ? 34 TYR A CD2  1 
ATOM 544 C CE1  . TYR A 1 34 ? -2.658  9.139   -1.518  1.00 0.00 ? 34 TYR A CE1  1 
ATOM 545 C CE2  . TYR A 1 34 ? -0.492  9.063   -0.431  1.00 0.00 ? 34 TYR A CE2  1 
ATOM 546 C CZ   . TYR A 1 34 ? -1.818  9.509   -0.461  1.00 0.00 ? 34 TYR A CZ   1 
ATOM 547 O OH   . TYR A 1 34 ? -2.302  10.320  0.546   1.00 0.00 ? 34 TYR A OH   1 
ATOM 548 H H    . TYR A 1 34 ? -1.859  6.145   -5.823  1.00 0.00 ? 34 TYR A H    1 
ATOM 549 H HA   . TYR A 1 34 ? -0.718  8.745   -4.783  1.00 0.00 ? 34 TYR A HA   1 
ATOM 550 H HB2  . TYR A 1 34 ? -0.805  6.029   -3.594  1.00 0.00 ? 34 TYR A HB2  1 
ATOM 551 H HB3  . TYR A 1 34 ? 0.754   6.859   -3.500  1.00 0.00 ? 34 TYR A HB3  1 
ATOM 552 H HD1  . TYR A 1 34 ? -2.819  8.032   -3.354  1.00 0.00 ? 34 TYR A HD1  1 
ATOM 553 H HD2  . TYR A 1 34 ? 1.020   7.898   -1.429  1.00 0.00 ? 34 TYR A HD2  1 
ATOM 554 H HE1  . TYR A 1 34 ? -3.681  9.487   -1.545  1.00 0.00 ? 34 TYR A HE1  1 
ATOM 555 H HE2  . TYR A 1 34 ? 0.155   9.350   0.385   1.00 0.00 ? 34 TYR A HE2  1 
ATOM 556 H HH   . TYR A 1 34 ? -1.893  10.045  1.370   1.00 0.00 ? 34 TYR A HH   1 
ATOM 557 N N    . THR A 1 35 ? 0.369   6.779   -7.018  1.00 0.00 ? 35 THR A N    1 
ATOM 558 C CA   . THR A 1 35 ? 1.424   6.532   -8.006  1.00 0.00 ? 35 THR A CA   1 
ATOM 559 C C    . THR A 1 35 ? 2.216   7.812   -8.299  1.00 0.00 ? 35 THR A C    1 
ATOM 560 O O    . THR A 1 35 ? 2.343   8.692   -7.452  1.00 0.00 ? 35 THR A O    1 
ATOM 561 C CB   . THR A 1 35 ? 0.811   6.013   -9.316  1.00 0.00 ? 35 THR A CB   1 
ATOM 562 O OG1  . THR A 1 35 ? 1.849   5.698   -10.229 1.00 0.00 ? 35 THR A OG1  1 
ATOM 563 C CG2  . THR A 1 35 ? -0.087  7.095   -9.939  1.00 0.00 ? 35 THR A CG2  1 
ATOM 564 H H    . THR A 1 35 ? -0.529  6.419   -7.181  1.00 0.00 ? 35 THR A H    1 
ATOM 565 H HA   . THR A 1 35 ? 2.098   5.780   -7.618  1.00 0.00 ? 35 THR A HA   1 
ATOM 566 H HB   . THR A 1 35 ? 0.224   5.125   -9.115  1.00 0.00 ? 35 THR A HB   1 
ATOM 567 H HG1  . THR A 1 35 ? 1.885   6.404   -10.887 1.00 0.00 ? 35 THR A HG1  1 
ATOM 568 H HG21 . THR A 1 35 ? 0.401   7.516   -10.807 1.00 0.00 ? 35 THR A HG21 1 
ATOM 569 H HG22 . THR A 1 35 ? -0.268  7.879   -9.218  1.00 0.00 ? 35 THR A HG22 1 
ATOM 570 H HG23 . THR A 1 35 ? -1.027  6.658   -10.237 1.00 0.00 ? 35 THR A HG23 1 
ATOM 571 N N    . ASN A 1 36 ? 2.750   7.905   -9.512  1.00 0.00 ? 36 ASN A N    1 
ATOM 572 C CA   . ASN A 1 36 ? 3.530   9.076   -9.903  1.00 0.00 ? 36 ASN A CA   1 
ATOM 573 C C    . ASN A 1 36 ? 3.025   9.648   -11.222 1.00 0.00 ? 36 ASN A C    1 
ATOM 574 O O    . ASN A 1 36 ? 3.820   10.259  -11.917 1.00 0.00 ? 36 ASN A O    1 
ATOM 575 C CB   . ASN A 1 36 ? 5.004   8.704   -10.062 1.00 0.00 ? 36 ASN A CB   1 
ATOM 576 C CG   . ASN A 1 36 ? 5.440   7.763   -8.947  1.00 0.00 ? 36 ASN A CG   1 
ATOM 577 O OD1  . ASN A 1 36 ? 5.691   8.197   -7.823  1.00 0.00 ? 36 ASN A OD1  1 
ATOM 578 N ND2  . ASN A 1 36 ? 5.553   6.488   -9.196  1.00 0.00 ? 36 ASN A ND2  1 
ATOM 579 O OXT  . ASN A 1 36 ? 1.855   9.470   -11.516 1.00 0.00 ? 36 ASN A OXT  1 
ATOM 580 H H    . ASN A 1 36 ? 2.619   7.177   -10.153 1.00 0.00 ? 36 ASN A H    1 
ATOM 581 H HA   . ASN A 1 36 ? 3.443   9.829   -9.132  1.00 0.00 ? 36 ASN A HA   1 
ATOM 582 H HB2  . ASN A 1 36 ? 5.140   8.215   -11.014 1.00 0.00 ? 36 ASN A HB2  1 
ATOM 583 H HB3  . ASN A 1 36 ? 5.603   9.603   -10.031 1.00 0.00 ? 36 ASN A HB3  1 
ATOM 584 H HD21 . ASN A 1 36 ? 5.353   6.147   -10.091 1.00 0.00 ? 36 ASN A HD21 1 
ATOM 585 H HD22 . ASN A 1 36 ? 5.847   5.876   -8.491  1.00 0.00 ? 36 ASN A HD22 1 
# 
